data_1RR7
# 
_entry.id   1RR7 
# 
_audit_conform.dict_name       mmcif_pdbx.dic 
_audit_conform.dict_version    5.386 
_audit_conform.dict_location   http://mmcif.pdb.org/dictionaries/ascii/mmcif_pdbx.dic 
# 
loop_
_database_2.database_id 
_database_2.database_code 
_database_2.pdbx_database_accession 
_database_2.pdbx_DOI 
PDB   1RR7         pdb_00001rr7 10.2210/pdb1rr7/pdb 
RCSB  RCSB020980   ?            ?                   
WWPDB D_1000020980 ?            ?                   
# 
loop_
_pdbx_audit_revision_history.ordinal 
_pdbx_audit_revision_history.data_content_type 
_pdbx_audit_revision_history.major_revision 
_pdbx_audit_revision_history.minor_revision 
_pdbx_audit_revision_history.revision_date 
1 'Structure model' 1 0 2004-08-17 
2 'Structure model' 1 1 2008-04-29 
3 'Structure model' 1 2 2011-07-13 
4 'Structure model' 1 3 2024-02-14 
# 
_pdbx_audit_revision_details.ordinal             1 
_pdbx_audit_revision_details.revision_ordinal    1 
_pdbx_audit_revision_details.data_content_type   'Structure model' 
_pdbx_audit_revision_details.provider            repository 
_pdbx_audit_revision_details.type                'Initial release' 
_pdbx_audit_revision_details.description         ? 
_pdbx_audit_revision_details.details             ? 
# 
loop_
_pdbx_audit_revision_group.ordinal 
_pdbx_audit_revision_group.revision_ordinal 
_pdbx_audit_revision_group.data_content_type 
_pdbx_audit_revision_group.group 
1 2 'Structure model' 'Version format compliance' 
2 3 'Structure model' 'Derived calculations'      
3 3 'Structure model' 'Version format compliance' 
4 4 'Structure model' 'Data collection'           
5 4 'Structure model' 'Database references'       
6 4 'Structure model' 'Derived calculations'      
# 
loop_
_pdbx_audit_revision_category.ordinal 
_pdbx_audit_revision_category.revision_ordinal 
_pdbx_audit_revision_category.data_content_type 
_pdbx_audit_revision_category.category 
1 4 'Structure model' chem_comp_atom 
2 4 'Structure model' chem_comp_bond 
3 4 'Structure model' database_2     
4 4 'Structure model' struct_conn    
5 4 'Structure model' struct_site    
# 
loop_
_pdbx_audit_revision_item.ordinal 
_pdbx_audit_revision_item.revision_ordinal 
_pdbx_audit_revision_item.data_content_type 
_pdbx_audit_revision_item.item 
1  4 'Structure model' '_database_2.pdbx_DOI'                
2  4 'Structure model' '_database_2.pdbx_database_accession' 
3  4 'Structure model' '_struct_conn.ptnr1_auth_comp_id'     
4  4 'Structure model' '_struct_conn.ptnr1_auth_seq_id'      
5  4 'Structure model' '_struct_conn.ptnr1_label_asym_id'    
6  4 'Structure model' '_struct_conn.ptnr1_label_atom_id'    
7  4 'Structure model' '_struct_conn.ptnr1_label_comp_id'    
8  4 'Structure model' '_struct_conn.ptnr1_label_seq_id'     
9  4 'Structure model' '_struct_conn.ptnr2_auth_comp_id'     
10 4 'Structure model' '_struct_conn.ptnr2_auth_seq_id'      
11 4 'Structure model' '_struct_conn.ptnr2_label_asym_id'    
12 4 'Structure model' '_struct_conn.ptnr2_label_atom_id'    
13 4 'Structure model' '_struct_conn.ptnr2_label_comp_id'    
14 4 'Structure model' '_struct_conn.ptnr2_label_seq_id'     
15 4 'Structure model' '_struct_site.pdbx_auth_asym_id'      
16 4 'Structure model' '_struct_site.pdbx_auth_comp_id'      
17 4 'Structure model' '_struct_site.pdbx_auth_seq_id'       
# 
_pdbx_database_status.status_code                     REL 
_pdbx_database_status.entry_id                        1RR7 
_pdbx_database_status.recvd_initial_deposition_date   2003-12-08 
_pdbx_database_status.deposit_site                    RCSB 
_pdbx_database_status.process_site                    RCSB 
_pdbx_database_status.SG_entry                        . 
_pdbx_database_status.pdb_format_compatible           Y 
_pdbx_database_status.status_code_mr                  ? 
_pdbx_database_status.status_code_sf                  ? 
_pdbx_database_status.status_code_cs                  ? 
_pdbx_database_status.status_code_nmr_data            ? 
_pdbx_database_status.methods_development_category    ? 
# 
loop_
_audit_author.name 
_audit_author.pdbx_ordinal 
'Kumaraswami, M.' 1 
'Howe, M.M.'      2 
'Park, H.W.'      3 
# 
_citation.id                        primary 
_citation.title                     
'Crystal structure of the Mor protein of bacteriophage Mu, a member of the Mor/C family of transcription activators.' 
_citation.journal_abbrev            J.Biol.Chem. 
_citation.journal_volume            279 
_citation.page_first                16581 
_citation.page_last                 16590 
_citation.year                      2004 
_citation.journal_id_ASTM           JBCHA3 
_citation.country                   US 
_citation.journal_id_ISSN           0021-9258 
_citation.journal_id_CSD            0071 
_citation.book_publisher            ? 
_citation.pdbx_database_id_PubMed   14729670 
_citation.pdbx_database_id_DOI      10.1074/jbc.M313555200 
# 
loop_
_citation_author.citation_id 
_citation_author.name 
_citation_author.ordinal 
_citation_author.identifier_ORCID 
primary 'Kumaraswami, M.' 1 ? 
primary 'Howe, M.M.'      2 ? 
primary 'Park, H.W.'      3 ? 
# 
loop_
_entity.id 
_entity.type 
_entity.src_method 
_entity.pdbx_description 
_entity.formula_weight 
_entity.pdbx_number_of_molecules 
_entity.pdbx_ec 
_entity.pdbx_mutation 
_entity.pdbx_fragment 
_entity.details 
1 polymer     man 'Middle operon regulator' 14732.768 1  ? ? 'Middle operon Regulator protein' ? 
2 non-polymer syn 'PLATINUM (II) ION'       195.078   2  ? ? ?                                 ? 
3 water       nat water                     18.015    22 ? ? ?                                 ? 
# 
_entity_name_com.entity_id   1 
_entity_name_com.name        'Protein Mor, Protein E17' 
# 
_entity_poly.entity_id                      1 
_entity_poly.type                           'polypeptide(L)' 
_entity_poly.nstd_linkage                   no 
_entity_poly.nstd_monomer                   no 
_entity_poly.pdbx_seq_one_letter_code       
;MTEDLFGDLQDDTILAHLDNPAEDTSRFPALLAELNDLLRGELSRLGVDPAHSLEIVVAICKHLGGGQVYIPRGQALDSL
IRDLRIWNDFNGRNVSELTTRYGVTFNTVYKAIRRMRRLKYRQYQPSLL
;
_entity_poly.pdbx_seq_one_letter_code_can   
;MTEDLFGDLQDDTILAHLDNPAEDTSRFPALLAELNDLLRGELSRLGVDPAHSLEIVVAICKHLGGGQVYIPRGQALDSL
IRDLRIWNDFNGRNVSELTTRYGVTFNTVYKAIRRMRRLKYRQYQPSLL
;
_entity_poly.pdbx_strand_id                 A 
_entity_poly.pdbx_target_identifier         ? 
# 
loop_
_pdbx_entity_nonpoly.entity_id 
_pdbx_entity_nonpoly.name 
_pdbx_entity_nonpoly.comp_id 
2 'PLATINUM (II) ION' PT  
3 water               HOH 
# 
loop_
_entity_poly_seq.entity_id 
_entity_poly_seq.num 
_entity_poly_seq.mon_id 
_entity_poly_seq.hetero 
1 1   MET n 
1 2   THR n 
1 3   GLU n 
1 4   ASP n 
1 5   LEU n 
1 6   PHE n 
1 7   GLY n 
1 8   ASP n 
1 9   LEU n 
1 10  GLN n 
1 11  ASP n 
1 12  ASP n 
1 13  THR n 
1 14  ILE n 
1 15  LEU n 
1 16  ALA n 
1 17  HIS n 
1 18  LEU n 
1 19  ASP n 
1 20  ASN n 
1 21  PRO n 
1 22  ALA n 
1 23  GLU n 
1 24  ASP n 
1 25  THR n 
1 26  SER n 
1 27  ARG n 
1 28  PHE n 
1 29  PRO n 
1 30  ALA n 
1 31  LEU n 
1 32  LEU n 
1 33  ALA n 
1 34  GLU n 
1 35  LEU n 
1 36  ASN n 
1 37  ASP n 
1 38  LEU n 
1 39  LEU n 
1 40  ARG n 
1 41  GLY n 
1 42  GLU n 
1 43  LEU n 
1 44  SER n 
1 45  ARG n 
1 46  LEU n 
1 47  GLY n 
1 48  VAL n 
1 49  ASP n 
1 50  PRO n 
1 51  ALA n 
1 52  HIS n 
1 53  SER n 
1 54  LEU n 
1 55  GLU n 
1 56  ILE n 
1 57  VAL n 
1 58  VAL n 
1 59  ALA n 
1 60  ILE n 
1 61  CYS n 
1 62  LYS n 
1 63  HIS n 
1 64  LEU n 
1 65  GLY n 
1 66  GLY n 
1 67  GLY n 
1 68  GLN n 
1 69  VAL n 
1 70  TYR n 
1 71  ILE n 
1 72  PRO n 
1 73  ARG n 
1 74  GLY n 
1 75  GLN n 
1 76  ALA n 
1 77  LEU n 
1 78  ASP n 
1 79  SER n 
1 80  LEU n 
1 81  ILE n 
1 82  ARG n 
1 83  ASP n 
1 84  LEU n 
1 85  ARG n 
1 86  ILE n 
1 87  TRP n 
1 88  ASN n 
1 89  ASP n 
1 90  PHE n 
1 91  ASN n 
1 92  GLY n 
1 93  ARG n 
1 94  ASN n 
1 95  VAL n 
1 96  SER n 
1 97  GLU n 
1 98  LEU n 
1 99  THR n 
1 100 THR n 
1 101 ARG n 
1 102 TYR n 
1 103 GLY n 
1 104 VAL n 
1 105 THR n 
1 106 PHE n 
1 107 ASN n 
1 108 THR n 
1 109 VAL n 
1 110 TYR n 
1 111 LYS n 
1 112 ALA n 
1 113 ILE n 
1 114 ARG n 
1 115 ARG n 
1 116 MET n 
1 117 ARG n 
1 118 ARG n 
1 119 LEU n 
1 120 LYS n 
1 121 TYR n 
1 122 ARG n 
1 123 GLN n 
1 124 TYR n 
1 125 GLN n 
1 126 PRO n 
1 127 SER n 
1 128 LEU n 
1 129 LEU n 
# 
_entity_src_gen.entity_id                          1 
_entity_src_gen.pdbx_src_id                        1 
_entity_src_gen.pdbx_alt_source_flag               sample 
_entity_src_gen.pdbx_seq_type                      ? 
_entity_src_gen.pdbx_beg_seq_num                   ? 
_entity_src_gen.pdbx_end_seq_num                   ? 
_entity_src_gen.gene_src_common_name               ? 
_entity_src_gen.gene_src_genus                     'Mu-like viruses' 
_entity_src_gen.pdbx_gene_src_gene                 Mor 
_entity_src_gen.gene_src_species                   ? 
_entity_src_gen.gene_src_strain                    ? 
_entity_src_gen.gene_src_tissue                    ? 
_entity_src_gen.gene_src_tissue_fraction           ? 
_entity_src_gen.gene_src_details                   ? 
_entity_src_gen.pdbx_gene_src_fragment             ? 
_entity_src_gen.pdbx_gene_src_scientific_name      'Enterobacteria phage Mu' 
_entity_src_gen.pdbx_gene_src_ncbi_taxonomy_id     10677 
_entity_src_gen.pdbx_gene_src_variant              ? 
_entity_src_gen.pdbx_gene_src_cell_line            ? 
_entity_src_gen.pdbx_gene_src_atcc                 ? 
_entity_src_gen.pdbx_gene_src_organ                ? 
_entity_src_gen.pdbx_gene_src_organelle            ? 
_entity_src_gen.pdbx_gene_src_cell                 ? 
_entity_src_gen.pdbx_gene_src_cellular_location    ? 
_entity_src_gen.host_org_common_name               ? 
_entity_src_gen.pdbx_host_org_scientific_name      'Escherichia coli' 
_entity_src_gen.pdbx_host_org_ncbi_taxonomy_id     562 
_entity_src_gen.host_org_genus                     Escherichia 
_entity_src_gen.pdbx_host_org_gene                 ? 
_entity_src_gen.pdbx_host_org_organ                ? 
_entity_src_gen.host_org_species                   ? 
_entity_src_gen.pdbx_host_org_tissue               ? 
_entity_src_gen.pdbx_host_org_tissue_fraction      ? 
_entity_src_gen.pdbx_host_org_strain               'JM109(DE3)' 
_entity_src_gen.pdbx_host_org_variant              ? 
_entity_src_gen.pdbx_host_org_cell_line            ? 
_entity_src_gen.pdbx_host_org_atcc                 ? 
_entity_src_gen.pdbx_host_org_culture_collection   ? 
_entity_src_gen.pdbx_host_org_cell                 ? 
_entity_src_gen.pdbx_host_org_organelle            ? 
_entity_src_gen.pdbx_host_org_cellular_location    ? 
_entity_src_gen.pdbx_host_org_vector_type          PLASMID 
_entity_src_gen.pdbx_host_org_vector               ? 
_entity_src_gen.host_org_details                   ? 
_entity_src_gen.expression_system_id               ? 
_entity_src_gen.plasmid_name                       paCYC184 
_entity_src_gen.plasmid_details                    ? 
_entity_src_gen.pdbx_description                   ? 
# 
loop_
_chem_comp.id 
_chem_comp.type 
_chem_comp.mon_nstd_flag 
_chem_comp.name 
_chem_comp.pdbx_synonyms 
_chem_comp.formula 
_chem_comp.formula_weight 
ALA 'L-peptide linking' y ALANINE             ? 'C3 H7 N O2'     89.093  
ARG 'L-peptide linking' y ARGININE            ? 'C6 H15 N4 O2 1' 175.209 
ASN 'L-peptide linking' y ASPARAGINE          ? 'C4 H8 N2 O3'    132.118 
ASP 'L-peptide linking' y 'ASPARTIC ACID'     ? 'C4 H7 N O4'     133.103 
CYS 'L-peptide linking' y CYSTEINE            ? 'C3 H7 N O2 S'   121.158 
GLN 'L-peptide linking' y GLUTAMINE           ? 'C5 H10 N2 O3'   146.144 
GLU 'L-peptide linking' y 'GLUTAMIC ACID'     ? 'C5 H9 N O4'     147.129 
GLY 'peptide linking'   y GLYCINE             ? 'C2 H5 N O2'     75.067  
HIS 'L-peptide linking' y HISTIDINE           ? 'C6 H10 N3 O2 1' 156.162 
HOH non-polymer         . WATER               ? 'H2 O'           18.015  
ILE 'L-peptide linking' y ISOLEUCINE          ? 'C6 H13 N O2'    131.173 
LEU 'L-peptide linking' y LEUCINE             ? 'C6 H13 N O2'    131.173 
LYS 'L-peptide linking' y LYSINE              ? 'C6 H15 N2 O2 1' 147.195 
MET 'L-peptide linking' y METHIONINE          ? 'C5 H11 N O2 S'  149.211 
PHE 'L-peptide linking' y PHENYLALANINE       ? 'C9 H11 N O2'    165.189 
PRO 'L-peptide linking' y PROLINE             ? 'C5 H9 N O2'     115.130 
PT  non-polymer         . 'PLATINUM (II) ION' ? 'Pt 2'           195.078 
SER 'L-peptide linking' y SERINE              ? 'C3 H7 N O3'     105.093 
THR 'L-peptide linking' y THREONINE           ? 'C4 H9 N O3'     119.119 
TRP 'L-peptide linking' y TRYPTOPHAN          ? 'C11 H12 N2 O2'  204.225 
TYR 'L-peptide linking' y TYROSINE            ? 'C9 H11 N O3'    181.189 
VAL 'L-peptide linking' y VALINE              ? 'C5 H11 N O2'    117.146 
# 
loop_
_pdbx_poly_seq_scheme.asym_id 
_pdbx_poly_seq_scheme.entity_id 
_pdbx_poly_seq_scheme.seq_id 
_pdbx_poly_seq_scheme.mon_id 
_pdbx_poly_seq_scheme.ndb_seq_num 
_pdbx_poly_seq_scheme.pdb_seq_num 
_pdbx_poly_seq_scheme.auth_seq_num 
_pdbx_poly_seq_scheme.pdb_mon_id 
_pdbx_poly_seq_scheme.auth_mon_id 
_pdbx_poly_seq_scheme.pdb_strand_id 
_pdbx_poly_seq_scheme.pdb_ins_code 
_pdbx_poly_seq_scheme.hetero 
A 1 1   MET 1   1   ?   ?   ?   A . n 
A 1 2   THR 2   2   ?   ?   ?   A . n 
A 1 3   GLU 3   3   ?   ?   ?   A . n 
A 1 4   ASP 4   4   ?   ?   ?   A . n 
A 1 5   LEU 5   5   ?   ?   ?   A . n 
A 1 6   PHE 6   6   ?   ?   ?   A . n 
A 1 7   GLY 7   7   ?   ?   ?   A . n 
A 1 8   ASP 8   8   ?   ?   ?   A . n 
A 1 9   LEU 9   9   ?   ?   ?   A . n 
A 1 10  GLN 10  10  ?   ?   ?   A . n 
A 1 11  ASP 11  11  ?   ?   ?   A . n 
A 1 12  ASP 12  12  ?   ?   ?   A . n 
A 1 13  THR 13  13  ?   ?   ?   A . n 
A 1 14  ILE 14  14  ?   ?   ?   A . n 
A 1 15  LEU 15  15  ?   ?   ?   A . n 
A 1 16  ALA 16  16  ?   ?   ?   A . n 
A 1 17  HIS 17  17  ?   ?   ?   A . n 
A 1 18  LEU 18  18  ?   ?   ?   A . n 
A 1 19  ASP 19  19  ?   ?   ?   A . n 
A 1 20  ASN 20  20  ?   ?   ?   A . n 
A 1 21  PRO 21  21  ?   ?   ?   A . n 
A 1 22  ALA 22  22  ?   ?   ?   A . n 
A 1 23  GLU 23  23  ?   ?   ?   A . n 
A 1 24  ASP 24  24  ?   ?   ?   A . n 
A 1 25  THR 25  25  ?   ?   ?   A . n 
A 1 26  SER 26  26  ?   ?   ?   A . n 
A 1 27  ARG 27  27  27  ARG ARG A . n 
A 1 28  PHE 28  28  28  PHE PHE A . n 
A 1 29  PRO 29  29  29  PRO PRO A . n 
A 1 30  ALA 30  30  30  ALA ALA A . n 
A 1 31  LEU 31  31  31  LEU LEU A . n 
A 1 32  LEU 32  32  32  LEU LEU A . n 
A 1 33  ALA 33  33  33  ALA ALA A . n 
A 1 34  GLU 34  34  34  GLU GLU A . n 
A 1 35  LEU 35  35  35  LEU LEU A . n 
A 1 36  ASN 36  36  36  ASN ASN A . n 
A 1 37  ASP 37  37  37  ASP ASP A . n 
A 1 38  LEU 38  38  38  LEU LEU A . n 
A 1 39  LEU 39  39  39  LEU LEU A . n 
A 1 40  ARG 40  40  40  ARG ARG A . n 
A 1 41  GLY 41  41  41  GLY GLY A . n 
A 1 42  GLU 42  42  42  GLU GLU A . n 
A 1 43  LEU 43  43  43  LEU LEU A . n 
A 1 44  SER 44  44  44  SER SER A . n 
A 1 45  ARG 45  45  45  ARG ALA A . n 
A 1 46  LEU 46  46  46  LEU ALA A . n 
A 1 47  GLY 47  47  47  GLY GLY A . n 
A 1 48  VAL 48  48  48  VAL ALA A . n 
A 1 49  ASP 49  49  49  ASP ASP A . n 
A 1 50  PRO 50  50  50  PRO PRO A . n 
A 1 51  ALA 51  51  51  ALA ALA A . n 
A 1 52  HIS 52  52  52  HIS HIS A . n 
A 1 53  SER 53  53  53  SER SER A . n 
A 1 54  LEU 54  54  54  LEU LEU A . n 
A 1 55  GLU 55  55  55  GLU GLU A . n 
A 1 56  ILE 56  56  56  ILE ILE A . n 
A 1 57  VAL 57  57  57  VAL VAL A . n 
A 1 58  VAL 58  58  58  VAL VAL A . n 
A 1 59  ALA 59  59  59  ALA ALA A . n 
A 1 60  ILE 60  60  60  ILE ILE A . n 
A 1 61  CYS 61  61  61  CYS CYS A . n 
A 1 62  LYS 62  62  62  LYS LYS A . n 
A 1 63  HIS 63  63  63  HIS HIS A . n 
A 1 64  LEU 64  64  64  LEU LEU A . n 
A 1 65  GLY 65  65  65  GLY GLY A . n 
A 1 66  GLY 66  66  66  GLY GLY A . n 
A 1 67  GLY 67  67  67  GLY GLY A . n 
A 1 68  GLN 68  68  68  GLN GLN A . n 
A 1 69  VAL 69  69  69  VAL VAL A . n 
A 1 70  TYR 70  70  70  TYR TYR A . n 
A 1 71  ILE 71  71  71  ILE ILE A . n 
A 1 72  PRO 72  72  72  PRO PRO A . n 
A 1 73  ARG 73  73  73  ARG ARG A . n 
A 1 74  GLY 74  74  74  GLY GLY A . n 
A 1 75  GLN 75  75  75  GLN GLN A . n 
A 1 76  ALA 76  76  76  ALA ALA A . n 
A 1 77  LEU 77  77  77  LEU LEU A . n 
A 1 78  ASP 78  78  78  ASP ASP A . n 
A 1 79  SER 79  79  79  SER SER A . n 
A 1 80  LEU 80  80  80  LEU LEU A . n 
A 1 81  ILE 81  81  81  ILE ILE A . n 
A 1 82  ARG 82  82  82  ARG ARG A . n 
A 1 83  ASP 83  83  83  ASP ASP A . n 
A 1 84  LEU 84  84  84  LEU LEU A . n 
A 1 85  ARG 85  85  85  ARG ARG A . n 
A 1 86  ILE 86  86  86  ILE ILE A . n 
A 1 87  TRP 87  87  87  TRP TRP A . n 
A 1 88  ASN 88  88  88  ASN ASN A . n 
A 1 89  ASP 89  89  89  ASP ASP A . n 
A 1 90  PHE 90  90  90  PHE PHE A . n 
A 1 91  ASN 91  91  91  ASN ASN A . n 
A 1 92  GLY 92  92  92  GLY GLY A . n 
A 1 93  ARG 93  93  93  ARG ARG A . n 
A 1 94  ASN 94  94  94  ASN ASN A . n 
A 1 95  VAL 95  95  95  VAL VAL A . n 
A 1 96  SER 96  96  96  SER SER A . n 
A 1 97  GLU 97  97  97  GLU GLU A . n 
A 1 98  LEU 98  98  98  LEU LEU A . n 
A 1 99  THR 99  99  99  THR THR A . n 
A 1 100 THR 100 100 100 THR THR A . n 
A 1 101 ARG 101 101 101 ARG ARG A . n 
A 1 102 TYR 102 102 102 TYR TYR A . n 
A 1 103 GLY 103 103 103 GLY GLY A . n 
A 1 104 VAL 104 104 104 VAL VAL A . n 
A 1 105 THR 105 105 105 THR THR A . n 
A 1 106 PHE 106 106 106 PHE PHE A . n 
A 1 107 ASN 107 107 107 ASN ASN A . n 
A 1 108 THR 108 108 108 THR THR A . n 
A 1 109 VAL 109 109 109 VAL VAL A . n 
A 1 110 TYR 110 110 110 TYR TYR A . n 
A 1 111 LYS 111 111 111 LYS LYS A . n 
A 1 112 ALA 112 112 112 ALA ALA A . n 
A 1 113 ILE 113 113 113 ILE ILE A . n 
A 1 114 ARG 114 114 114 ARG ARG A . n 
A 1 115 ARG 115 115 115 ARG ARG A . n 
A 1 116 MET 116 116 116 MET MET A . n 
A 1 117 ARG 117 117 117 ARG ARG A . n 
A 1 118 ARG 118 118 118 ARG ARG A . n 
A 1 119 LEU 119 119 119 LEU LEU A . n 
A 1 120 LYS 120 120 120 LYS LYS A . n 
A 1 121 TYR 121 121 ?   ?   ?   A . n 
A 1 122 ARG 122 122 ?   ?   ?   A . n 
A 1 123 GLN 123 123 ?   ?   ?   A . n 
A 1 124 TYR 124 124 ?   ?   ?   A . n 
A 1 125 GLN 125 125 ?   ?   ?   A . n 
A 1 126 PRO 126 126 ?   ?   ?   A . n 
A 1 127 SER 127 127 ?   ?   ?   A . n 
A 1 128 LEU 128 128 ?   ?   ?   A . n 
A 1 129 LEU 129 129 ?   ?   ?   A . n 
# 
loop_
_pdbx_nonpoly_scheme.asym_id 
_pdbx_nonpoly_scheme.entity_id 
_pdbx_nonpoly_scheme.mon_id 
_pdbx_nonpoly_scheme.ndb_seq_num 
_pdbx_nonpoly_scheme.pdb_seq_num 
_pdbx_nonpoly_scheme.auth_seq_num 
_pdbx_nonpoly_scheme.pdb_mon_id 
_pdbx_nonpoly_scheme.auth_mon_id 
_pdbx_nonpoly_scheme.pdb_strand_id 
_pdbx_nonpoly_scheme.pdb_ins_code 
B 2 PT  1  201 201 PT  PT  A . 
C 2 PT  1  202 202 PT  PT  A . 
D 3 HOH 1  203 1   HOH TIP A . 
D 3 HOH 2  204 2   HOH TIP A . 
D 3 HOH 3  205 3   HOH TIP A . 
D 3 HOH 4  206 4   HOH TIP A . 
D 3 HOH 5  207 5   HOH TIP A . 
D 3 HOH 6  208 6   HOH TIP A . 
D 3 HOH 7  209 7   HOH TIP A . 
D 3 HOH 8  210 8   HOH TIP A . 
D 3 HOH 9  211 9   HOH TIP A . 
D 3 HOH 10 212 10  HOH TIP A . 
D 3 HOH 11 213 11  HOH TIP A . 
D 3 HOH 12 214 13  HOH TIP A . 
D 3 HOH 13 215 14  HOH TIP A . 
D 3 HOH 14 216 15  HOH TIP A . 
D 3 HOH 15 217 16  HOH TIP A . 
D 3 HOH 16 218 17  HOH TIP A . 
D 3 HOH 17 219 18  HOH TIP A . 
D 3 HOH 18 220 19  HOH TIP A . 
D 3 HOH 19 221 20  HOH TIP A . 
D 3 HOH 20 222 21  HOH TIP A . 
D 3 HOH 21 223 22  HOH TIP A . 
D 3 HOH 22 224 23  HOH TIP A . 
# 
loop_
_pdbx_unobs_or_zero_occ_atoms.id 
_pdbx_unobs_or_zero_occ_atoms.PDB_model_num 
_pdbx_unobs_or_zero_occ_atoms.polymer_flag 
_pdbx_unobs_or_zero_occ_atoms.occupancy_flag 
_pdbx_unobs_or_zero_occ_atoms.auth_asym_id 
_pdbx_unobs_or_zero_occ_atoms.auth_comp_id 
_pdbx_unobs_or_zero_occ_atoms.auth_seq_id 
_pdbx_unobs_or_zero_occ_atoms.PDB_ins_code 
_pdbx_unobs_or_zero_occ_atoms.auth_atom_id 
_pdbx_unobs_or_zero_occ_atoms.label_alt_id 
_pdbx_unobs_or_zero_occ_atoms.label_asym_id 
_pdbx_unobs_or_zero_occ_atoms.label_comp_id 
_pdbx_unobs_or_zero_occ_atoms.label_seq_id 
_pdbx_unobs_or_zero_occ_atoms.label_atom_id 
1  1 Y 1 A ARG 45 ? CG  ? A ARG 45 CG  
2  1 Y 1 A ARG 45 ? CD  ? A ARG 45 CD  
3  1 Y 1 A ARG 45 ? NE  ? A ARG 45 NE  
4  1 Y 1 A ARG 45 ? CZ  ? A ARG 45 CZ  
5  1 Y 1 A ARG 45 ? NH1 ? A ARG 45 NH1 
6  1 Y 1 A ARG 45 ? NH2 ? A ARG 45 NH2 
7  1 Y 1 A LEU 46 ? CG  ? A LEU 46 CG  
8  1 Y 1 A LEU 46 ? CD1 ? A LEU 46 CD1 
9  1 Y 1 A LEU 46 ? CD2 ? A LEU 46 CD2 
10 1 Y 1 A VAL 48 ? CG1 ? A VAL 48 CG1 
11 1 Y 1 A VAL 48 ? CG2 ? A VAL 48 CG2 
# 
loop_
_software.name 
_software.classification 
_software.version 
_software.citation_id 
_software.pdbx_ordinal 
DENZO     'data reduction' . ? 1 
SCALEPACK 'data scaling'   . ? 2 
SOLVE     phasing          . ? 3 
RESOLVE   'model building' . ? 4 
CNS       refinement       . ? 5 
RESOLVE   phasing          . ? 6 
# 
_cell.entry_id           1RR7 
_cell.length_a           81.631 
_cell.length_b           81.631 
_cell.length_c           44.843 
_cell.angle_alpha        90 
_cell.angle_beta         90 
_cell.angle_gamma        120 
_cell.pdbx_unique_axis   ? 
_cell.Z_PDB              6 
# 
_symmetry.entry_id                         1RR7 
_symmetry.space_group_name_H-M             'P 32 2 1' 
_symmetry.pdbx_full_space_group_name_H-M   ? 
_symmetry.Int_Tables_number                154 
_symmetry.cell_setting                     ? 
_symmetry.space_group_name_Hall            ? 
# 
_exptl.entry_id          1RR7 
_exptl.method            'X-RAY DIFFRACTION' 
_exptl.crystals_number   2 
# 
_exptl_crystal.id                    1 
_exptl_crystal.density_meas          ? 
_exptl_crystal.density_percent_sol   57.97 
_exptl_crystal.description           ? 
_exptl_crystal.density_Matthews      2.93 
_exptl_crystal.F_000                 ? 
_exptl_crystal.preparation           ? 
# 
_exptl_crystal_grow.crystal_id      1 
_exptl_crystal_grow.method          'VAPOR DIFFUSION, HANGING DROP' 
_exptl_crystal_grow.temp            291 
_exptl_crystal_grow.temp_details    ? 
_exptl_crystal_grow.pH              7.0 
_exptl_crystal_grow.pdbx_details    
'Sodium chloride, guanidine hydrocholride, pH 7.0, VAPOR DIFFUSION, HANGING DROP, temperature 291K' 
_exptl_crystal_grow.pdbx_pH_range   . 
# 
loop_
_diffrn.id 
_diffrn.ambient_temp 
_diffrn.ambient_temp_details 
_diffrn.crystal_id 
1 100 ? 1 
2 100 ? 1 
# 
_diffrn_detector.diffrn_id              1 
_diffrn_detector.detector               CCD 
_diffrn_detector.type                   'ADSC QUANTUM 210' 
_diffrn_detector.pdbx_collection_date   2003-06-05 
_diffrn_detector.details                ? 
# 
_diffrn_radiation.diffrn_id                        2 
_diffrn_radiation.wavelength_id                    1 
_diffrn_radiation.pdbx_monochromatic_or_laue_m_l   M 
_diffrn_radiation.monochromator                    ? 
_diffrn_radiation.pdbx_diffrn_protocol             MAD 
_diffrn_radiation.pdbx_scattering_type             x-ray 
# 
loop_
_diffrn_radiation_wavelength.id 
_diffrn_radiation_wavelength.wavelength 
_diffrn_radiation_wavelength.wt 
1 1.0721 1.0 
2 1.0051 1.0 
3 1.0086 1.0 
# 
loop_
_diffrn_source.diffrn_id 
_diffrn_source.source 
_diffrn_source.type 
_diffrn_source.pdbx_synchrotron_site 
_diffrn_source.pdbx_synchrotron_beamline 
_diffrn_source.pdbx_wavelength 
_diffrn_source.pdbx_wavelength_list 
1 SYNCHROTRON 'NSLS BEAMLINE X12C' NSLS X12C  ? 1.0721           
2 SYNCHROTRON 'APS BEAMLINE 22-ID' APS  22-ID ? '1.0051, 1.0086' 
# 
_reflns.entry_id                     1RR7 
_reflns.observed_criterion_sigma_F   ? 
_reflns.observed_criterion_sigma_I   -3 
_reflns.d_resolution_high            2.0 
_reflns.d_resolution_low             50 
_reflns.number_all                   ? 
_reflns.number_obs                   7746 
_reflns.percent_possible_obs         ? 
_reflns.pdbx_Rmerge_I_obs            ? 
_reflns.pdbx_Rsym_value              0.086 
_reflns.pdbx_netI_over_sigmaI        48 
_reflns.B_iso_Wilson_estimate        ? 
_reflns.pdbx_redundancy              ? 
_reflns.R_free_details               ? 
_reflns.limit_h_max                  ? 
_reflns.limit_h_min                  ? 
_reflns.limit_k_max                  ? 
_reflns.limit_k_min                  ? 
_reflns.limit_l_max                  ? 
_reflns.limit_l_min                  ? 
_reflns.observed_criterion_F_max     ? 
_reflns.observed_criterion_F_min     ? 
_reflns.pdbx_chi_squared             ? 
_reflns.pdbx_scaling_rejects         ? 
_reflns.pdbx_ordinal                 1 
_reflns.pdbx_diffrn_id               2 
# 
_refine.entry_id                                 1RR7 
_refine.ls_d_res_high                            2.2 
_refine.ls_d_res_low                             30 
_refine.pdbx_ls_sigma_F                          ? 
_refine.pdbx_ls_sigma_I                          ? 
_refine.ls_number_reflns_all                     ? 
_refine.ls_number_reflns_obs                     7746 
_refine.ls_number_reflns_R_free                  ? 
_refine.ls_percent_reflns_obs                    86.1 
_refine.ls_R_factor_all                          ? 
_refine.ls_R_factor_obs                          ? 
_refine.ls_R_factor_R_work                       0.2519 
_refine.ls_R_factor_R_free                       0.268 
_refine.ls_redundancy_reflns_obs                 ? 
_refine.pdbx_data_cutoff_high_absF               ? 
_refine.pdbx_data_cutoff_low_absF                ? 
_refine.ls_number_parameters                     ? 
_refine.ls_number_restraints                     ? 
_refine.ls_percent_reflns_R_free                 ? 
_refine.ls_R_factor_R_free_error                 ? 
_refine.ls_R_factor_R_free_error_details         ? 
_refine.pdbx_method_to_determine_struct          MAD 
_refine.pdbx_starting_model                      ? 
_refine.pdbx_ls_cross_valid_method               ? 
_refine.pdbx_R_Free_selection_details            ? 
_refine.pdbx_stereochem_target_val_spec_case     ? 
_refine.pdbx_stereochemistry_target_values       ? 
_refine.solvent_model_details                    ? 
_refine.solvent_model_param_bsol                 ? 
_refine.solvent_model_param_ksol                 ? 
_refine.occupancy_max                            ? 
_refine.occupancy_min                            ? 
_refine.pdbx_isotropic_thermal_model             ? 
_refine.B_iso_mean                               ? 
_refine.aniso_B[1][1]                            ? 
_refine.aniso_B[1][2]                            ? 
_refine.aniso_B[1][3]                            ? 
_refine.aniso_B[2][2]                            ? 
_refine.aniso_B[2][3]                            ? 
_refine.aniso_B[3][3]                            ? 
_refine.details                                  ? 
_refine.B_iso_min                                ? 
_refine.B_iso_max                                ? 
_refine.correlation_coeff_Fo_to_Fc               ? 
_refine.correlation_coeff_Fo_to_Fc_free          ? 
_refine.pdbx_solvent_vdw_probe_radii             ? 
_refine.pdbx_solvent_ion_probe_radii             ? 
_refine.pdbx_solvent_shrinkage_radii             ? 
_refine.overall_SU_R_Cruickshank_DPI             ? 
_refine.overall_SU_R_free                        ? 
_refine.overall_SU_B                             ? 
_refine.overall_SU_ML                            ? 
_refine.pdbx_overall_ESU_R                       ? 
_refine.pdbx_overall_ESU_R_Free                  ? 
_refine.pdbx_data_cutoff_high_rms_absF           ? 
_refine.ls_wR_factor_R_free                      ? 
_refine.ls_wR_factor_R_work                      ? 
_refine.overall_FOM_free_R_set                   ? 
_refine.overall_FOM_work_R_set                   ? 
_refine.pdbx_refine_id                           'X-RAY DIFFRACTION' 
_refine.pdbx_diffrn_id                           2 
_refine.pdbx_TLS_residual_ADP_flag               ? 
_refine.pdbx_overall_phase_error                 ? 
_refine.pdbx_overall_SU_R_free_Cruickshank_DPI   ? 
_refine.pdbx_overall_SU_R_Blow_DPI               ? 
_refine.pdbx_overall_SU_R_free_Blow_DPI          ? 
# 
_refine_hist.pdbx_refine_id                   'X-RAY DIFFRACTION' 
_refine_hist.cycle_id                         LAST 
_refine_hist.pdbx_number_atoms_protein        743 
_refine_hist.pdbx_number_atoms_nucleic_acid   0 
_refine_hist.pdbx_number_atoms_ligand         2 
_refine_hist.number_atoms_solvent             22 
_refine_hist.number_atoms_total               767 
_refine_hist.d_res_high                       2.2 
_refine_hist.d_res_low                        30 
# 
loop_
_refine_ls_restr.type 
_refine_ls_restr.dev_ideal 
_refine_ls_restr.dev_ideal_target 
_refine_ls_restr.weight 
_refine_ls_restr.number 
_refine_ls_restr.pdbx_refine_id 
_refine_ls_restr.pdbx_restraint_function 
c_bond_d    0.0101 ? ? ? 'X-RAY DIFFRACTION' ? 
c_angle_deg 11.    ? ? ? 'X-RAY DIFFRACTION' ? 
# 
_struct.entry_id                  1RR7 
_struct.title                     'Crystal structure of the Middle Operon Regulator protein of Bacteriophage Mu' 
_struct.pdbx_model_details        ? 
_struct.pdbx_CASP_flag            ? 
_struct.pdbx_model_type_details   ? 
# 
_struct_keywords.entry_id        1RR7 
_struct_keywords.pdbx_keywords   TRANSCRIPTION 
_struct_keywords.text            'Mor, TRANSCRIPTION' 
# 
loop_
_struct_asym.id 
_struct_asym.pdbx_blank_PDB_chainid_flag 
_struct_asym.pdbx_modified 
_struct_asym.entity_id 
_struct_asym.details 
A N N 1 ? 
B N N 2 ? 
C N N 2 ? 
D N N 3 ? 
# 
_struct_ref.id                         1 
_struct_ref.db_name                    UNP 
_struct_ref.db_code                    VMOR_BPMU 
_struct_ref.pdbx_db_accession          P23848 
_struct_ref.entity_id                  1 
_struct_ref.pdbx_seq_one_letter_code   
;MTEDLFGDLQDDTILAHLDNPAEDTSRFPALLAELNDLLRGELSRLGVDPAHSLEIVVAICKHLGGGQVYIPRGQALDSL
IRDLRIWNDFNGRNVSELTTRYGVTFNTVYKAIRRMRRLKYRQYQPSLL
;
_struct_ref.pdbx_align_begin           1 
_struct_ref.pdbx_db_isoform            ? 
# 
_struct_ref_seq.align_id                      1 
_struct_ref_seq.ref_id                        1 
_struct_ref_seq.pdbx_PDB_id_code              1RR7 
_struct_ref_seq.pdbx_strand_id                A 
_struct_ref_seq.seq_align_beg                 1 
_struct_ref_seq.pdbx_seq_align_beg_ins_code   ? 
_struct_ref_seq.seq_align_end                 129 
_struct_ref_seq.pdbx_seq_align_end_ins_code   ? 
_struct_ref_seq.pdbx_db_accession             P23848 
_struct_ref_seq.db_align_beg                  1 
_struct_ref_seq.pdbx_db_align_beg_ins_code    ? 
_struct_ref_seq.db_align_end                  129 
_struct_ref_seq.pdbx_db_align_end_ins_code    ? 
_struct_ref_seq.pdbx_auth_seq_align_beg       1 
_struct_ref_seq.pdbx_auth_seq_align_end       129 
# 
loop_
_pdbx_struct_assembly.id 
_pdbx_struct_assembly.details 
_pdbx_struct_assembly.method_details 
_pdbx_struct_assembly.oligomeric_details 
_pdbx_struct_assembly.oligomeric_count 
1 author_defined_assembly   ?        monomeric 1 
2 software_defined_assembly PISA,PQS dimeric   2 
# 
loop_
_pdbx_struct_assembly_prop.biol_id 
_pdbx_struct_assembly_prop.type 
_pdbx_struct_assembly_prop.value 
_pdbx_struct_assembly_prop.details 
2 'ABSA (A^2)' 4710  ? 
2 MORE         -93   ? 
2 'SSA (A^2)'  10930 ? 
# 
loop_
_pdbx_struct_assembly_gen.assembly_id 
_pdbx_struct_assembly_gen.oper_expression 
_pdbx_struct_assembly_gen.asym_id_list 
1 1   A,B,C,D 
2 1,2 A,B,C,D 
# 
loop_
_pdbx_struct_oper_list.id 
_pdbx_struct_oper_list.type 
_pdbx_struct_oper_list.name 
_pdbx_struct_oper_list.symmetry_operation 
_pdbx_struct_oper_list.matrix[1][1] 
_pdbx_struct_oper_list.matrix[1][2] 
_pdbx_struct_oper_list.matrix[1][3] 
_pdbx_struct_oper_list.vector[1] 
_pdbx_struct_oper_list.matrix[2][1] 
_pdbx_struct_oper_list.matrix[2][2] 
_pdbx_struct_oper_list.matrix[2][3] 
_pdbx_struct_oper_list.vector[2] 
_pdbx_struct_oper_list.matrix[3][1] 
_pdbx_struct_oper_list.matrix[3][2] 
_pdbx_struct_oper_list.matrix[3][3] 
_pdbx_struct_oper_list.vector[3] 
1 'identity operation'         1_555 x,y,z          1.0000000000  0.0000000000 0.0000000000 0.0000000000  0.0000000000 1.0000000000  0.0000000000 0.0000000000 0.0000000000 0.0000000000 1.0000000000 0.0000000000  
2 'crystal symmetry operation' 6_555 -x,-x+y,-z+2/3 -0.8990858721 0.0574439620 0.4339870804 17.6379247481 0.0574439620 -0.9673008246 0.2470411016 0.6754915832 0.4339870804 0.2470411016 0.8663866967 -4.1907208525 
# 
_struct_biol.id                    1 
_struct_biol.pdbx_parent_biol_id   ? 
_struct_biol.details               ? 
# 
loop_
_struct_conf.conf_type_id 
_struct_conf.id 
_struct_conf.pdbx_PDB_helix_id 
_struct_conf.beg_label_comp_id 
_struct_conf.beg_label_asym_id 
_struct_conf.beg_label_seq_id 
_struct_conf.pdbx_beg_PDB_ins_code 
_struct_conf.end_label_comp_id 
_struct_conf.end_label_asym_id 
_struct_conf.end_label_seq_id 
_struct_conf.pdbx_end_PDB_ins_code 
_struct_conf.beg_auth_comp_id 
_struct_conf.beg_auth_asym_id 
_struct_conf.beg_auth_seq_id 
_struct_conf.end_auth_comp_id 
_struct_conf.end_auth_asym_id 
_struct_conf.end_auth_seq_id 
_struct_conf.pdbx_PDB_helix_class 
_struct_conf.details 
_struct_conf.pdbx_PDB_helix_length 
HELX_P HELX_P1 1 ARG A 27  ? LEU A 46  ? ARG A 27  LEU A 46  1 ? 20 
HELX_P HELX_P2 2 HIS A 52  ? GLY A 65  ? HIS A 52  GLY A 65  1 ? 14 
HELX_P HELX_P3 3 GLY A 74  ? PHE A 90  ? GLY A 74  PHE A 90  1 ? 17 
HELX_P HELX_P4 4 ASN A 94  ? GLY A 103 ? ASN A 94  GLY A 103 1 ? 10 
HELX_P HELX_P5 5 THR A 105 ? LEU A 119 ? THR A 105 LEU A 119 1 ? 15 
# 
_struct_conf_type.id          HELX_P 
_struct_conf_type.criteria    ? 
_struct_conf_type.reference   ? 
# 
loop_
_struct_conn.id 
_struct_conn.conn_type_id 
_struct_conn.pdbx_leaving_atom_flag 
_struct_conn.pdbx_PDB_id 
_struct_conn.ptnr1_label_asym_id 
_struct_conn.ptnr1_label_comp_id 
_struct_conn.ptnr1_label_seq_id 
_struct_conn.ptnr1_label_atom_id 
_struct_conn.pdbx_ptnr1_label_alt_id 
_struct_conn.pdbx_ptnr1_PDB_ins_code 
_struct_conn.pdbx_ptnr1_standard_comp_id 
_struct_conn.ptnr1_symmetry 
_struct_conn.ptnr2_label_asym_id 
_struct_conn.ptnr2_label_comp_id 
_struct_conn.ptnr2_label_seq_id 
_struct_conn.ptnr2_label_atom_id 
_struct_conn.pdbx_ptnr2_label_alt_id 
_struct_conn.pdbx_ptnr2_PDB_ins_code 
_struct_conn.ptnr1_auth_asym_id 
_struct_conn.ptnr1_auth_comp_id 
_struct_conn.ptnr1_auth_seq_id 
_struct_conn.ptnr2_auth_asym_id 
_struct_conn.ptnr2_auth_comp_id 
_struct_conn.ptnr2_auth_seq_id 
_struct_conn.ptnr2_symmetry 
_struct_conn.pdbx_ptnr3_label_atom_id 
_struct_conn.pdbx_ptnr3_label_seq_id 
_struct_conn.pdbx_ptnr3_label_comp_id 
_struct_conn.pdbx_ptnr3_label_asym_id 
_struct_conn.pdbx_ptnr3_label_alt_id 
_struct_conn.pdbx_ptnr3_PDB_ins_code 
_struct_conn.details 
_struct_conn.pdbx_dist_value 
_struct_conn.pdbx_value_order 
_struct_conn.pdbx_role 
metalc1 metalc ? ? A HIS 63  ND1 ? ? ? 1_555 B PT . PT ? ? A HIS 63  A PT 201 1_555 ? ? ? ? ? ? ? 2.114 ? ? 
metalc2 metalc ? ? A MET 116 SD  ? ? ? 1_555 C PT . PT ? ? A MET 116 A PT 202 1_555 ? ? ? ? ? ? ? 2.335 ? ? 
# 
_struct_conn_type.id          metalc 
_struct_conn_type.criteria    ? 
_struct_conn_type.reference   ? 
# 
loop_
_struct_site.id 
_struct_site.pdbx_evidence_code 
_struct_site.pdbx_auth_asym_id 
_struct_site.pdbx_auth_comp_id 
_struct_site.pdbx_auth_seq_id 
_struct_site.pdbx_auth_ins_code 
_struct_site.pdbx_num_residues 
_struct_site.details 
AC1 Software A PT 201 ? 1 'BINDING SITE FOR RESIDUE PT A 201' 
AC2 Software A PT 202 ? 1 'BINDING SITE FOR RESIDUE PT A 202' 
# 
loop_
_struct_site_gen.id 
_struct_site_gen.site_id 
_struct_site_gen.pdbx_num_res 
_struct_site_gen.label_comp_id 
_struct_site_gen.label_asym_id 
_struct_site_gen.label_seq_id 
_struct_site_gen.pdbx_auth_ins_code 
_struct_site_gen.auth_comp_id 
_struct_site_gen.auth_asym_id 
_struct_site_gen.auth_seq_id 
_struct_site_gen.label_atom_id 
_struct_site_gen.label_alt_id 
_struct_site_gen.symmetry 
_struct_site_gen.details 
1 AC1 1 HIS A 63  ? HIS A 63  . ? 1_555 ? 
2 AC2 1 MET A 116 ? MET A 116 . ? 1_555 ? 
# 
_pdbx_validate_rmsd_bond.id                        1 
_pdbx_validate_rmsd_bond.PDB_model_num             1 
_pdbx_validate_rmsd_bond.auth_atom_id_1            CG 
_pdbx_validate_rmsd_bond.auth_asym_id_1            A 
_pdbx_validate_rmsd_bond.auth_comp_id_1            MET 
_pdbx_validate_rmsd_bond.auth_seq_id_1             116 
_pdbx_validate_rmsd_bond.PDB_ins_code_1            ? 
_pdbx_validate_rmsd_bond.label_alt_id_1            ? 
_pdbx_validate_rmsd_bond.auth_atom_id_2            SD 
_pdbx_validate_rmsd_bond.auth_asym_id_2            A 
_pdbx_validate_rmsd_bond.auth_comp_id_2            MET 
_pdbx_validate_rmsd_bond.auth_seq_id_2             116 
_pdbx_validate_rmsd_bond.PDB_ins_code_2            ? 
_pdbx_validate_rmsd_bond.label_alt_id_2            ? 
_pdbx_validate_rmsd_bond.bond_value                1.973 
_pdbx_validate_rmsd_bond.bond_target_value         1.807 
_pdbx_validate_rmsd_bond.bond_deviation            0.166 
_pdbx_validate_rmsd_bond.bond_standard_deviation   0.026 
_pdbx_validate_rmsd_bond.linker_flag               N 
# 
loop_
_pdbx_validate_torsion.id 
_pdbx_validate_torsion.PDB_model_num 
_pdbx_validate_torsion.auth_comp_id 
_pdbx_validate_torsion.auth_asym_id 
_pdbx_validate_torsion.auth_seq_id 
_pdbx_validate_torsion.PDB_ins_code 
_pdbx_validate_torsion.label_alt_id 
_pdbx_validate_torsion.phi 
_pdbx_validate_torsion.psi 
1 1 PHE A 28 ? ? -32.55  -34.79 
2 1 VAL A 48 ? ? -21.93  131.34 
3 1 PRO A 50 ? ? -56.22  4.49   
4 1 ARG A 73 ? ? -99.77  -93.78 
5 1 ARG A 93 ? ? -151.44 17.42  
# 
loop_
_pdbx_unobs_or_zero_occ_residues.id 
_pdbx_unobs_or_zero_occ_residues.PDB_model_num 
_pdbx_unobs_or_zero_occ_residues.polymer_flag 
_pdbx_unobs_or_zero_occ_residues.occupancy_flag 
_pdbx_unobs_or_zero_occ_residues.auth_asym_id 
_pdbx_unobs_or_zero_occ_residues.auth_comp_id 
_pdbx_unobs_or_zero_occ_residues.auth_seq_id 
_pdbx_unobs_or_zero_occ_residues.PDB_ins_code 
_pdbx_unobs_or_zero_occ_residues.label_asym_id 
_pdbx_unobs_or_zero_occ_residues.label_comp_id 
_pdbx_unobs_or_zero_occ_residues.label_seq_id 
1  1 Y 1 A MET 1   ? A MET 1   
2  1 Y 1 A THR 2   ? A THR 2   
3  1 Y 1 A GLU 3   ? A GLU 3   
4  1 Y 1 A ASP 4   ? A ASP 4   
5  1 Y 1 A LEU 5   ? A LEU 5   
6  1 Y 1 A PHE 6   ? A PHE 6   
7  1 Y 1 A GLY 7   ? A GLY 7   
8  1 Y 1 A ASP 8   ? A ASP 8   
9  1 Y 1 A LEU 9   ? A LEU 9   
10 1 Y 1 A GLN 10  ? A GLN 10  
11 1 Y 1 A ASP 11  ? A ASP 11  
12 1 Y 1 A ASP 12  ? A ASP 12  
13 1 Y 1 A THR 13  ? A THR 13  
14 1 Y 1 A ILE 14  ? A ILE 14  
15 1 Y 1 A LEU 15  ? A LEU 15  
16 1 Y 1 A ALA 16  ? A ALA 16  
17 1 Y 1 A HIS 17  ? A HIS 17  
18 1 Y 1 A LEU 18  ? A LEU 18  
19 1 Y 1 A ASP 19  ? A ASP 19  
20 1 Y 1 A ASN 20  ? A ASN 20  
21 1 Y 1 A PRO 21  ? A PRO 21  
22 1 Y 1 A ALA 22  ? A ALA 22  
23 1 Y 1 A GLU 23  ? A GLU 23  
24 1 Y 1 A ASP 24  ? A ASP 24  
25 1 Y 1 A THR 25  ? A THR 25  
26 1 Y 1 A SER 26  ? A SER 26  
27 1 Y 1 A TYR 121 ? A TYR 121 
28 1 Y 1 A ARG 122 ? A ARG 122 
29 1 Y 1 A GLN 123 ? A GLN 123 
30 1 Y 1 A TYR 124 ? A TYR 124 
31 1 Y 1 A GLN 125 ? A GLN 125 
32 1 Y 1 A PRO 126 ? A PRO 126 
33 1 Y 1 A SER 127 ? A SER 127 
34 1 Y 1 A LEU 128 ? A LEU 128 
35 1 Y 1 A LEU 129 ? A LEU 129 
# 
loop_
_chem_comp_atom.comp_id 
_chem_comp_atom.atom_id 
_chem_comp_atom.type_symbol 
_chem_comp_atom.pdbx_aromatic_flag 
_chem_comp_atom.pdbx_stereo_config 
_chem_comp_atom.pdbx_ordinal 
ALA N    N  N N 1   
ALA CA   C  N S 2   
ALA C    C  N N 3   
ALA O    O  N N 4   
ALA CB   C  N N 5   
ALA OXT  O  N N 6   
ALA H    H  N N 7   
ALA H2   H  N N 8   
ALA HA   H  N N 9   
ALA HB1  H  N N 10  
ALA HB2  H  N N 11  
ALA HB3  H  N N 12  
ALA HXT  H  N N 13  
ARG N    N  N N 14  
ARG CA   C  N S 15  
ARG C    C  N N 16  
ARG O    O  N N 17  
ARG CB   C  N N 18  
ARG CG   C  N N 19  
ARG CD   C  N N 20  
ARG NE   N  N N 21  
ARG CZ   C  N N 22  
ARG NH1  N  N N 23  
ARG NH2  N  N N 24  
ARG OXT  O  N N 25  
ARG H    H  N N 26  
ARG H2   H  N N 27  
ARG HA   H  N N 28  
ARG HB2  H  N N 29  
ARG HB3  H  N N 30  
ARG HG2  H  N N 31  
ARG HG3  H  N N 32  
ARG HD2  H  N N 33  
ARG HD3  H  N N 34  
ARG HE   H  N N 35  
ARG HH11 H  N N 36  
ARG HH12 H  N N 37  
ARG HH21 H  N N 38  
ARG HH22 H  N N 39  
ARG HXT  H  N N 40  
ASN N    N  N N 41  
ASN CA   C  N S 42  
ASN C    C  N N 43  
ASN O    O  N N 44  
ASN CB   C  N N 45  
ASN CG   C  N N 46  
ASN OD1  O  N N 47  
ASN ND2  N  N N 48  
ASN OXT  O  N N 49  
ASN H    H  N N 50  
ASN H2   H  N N 51  
ASN HA   H  N N 52  
ASN HB2  H  N N 53  
ASN HB3  H  N N 54  
ASN HD21 H  N N 55  
ASN HD22 H  N N 56  
ASN HXT  H  N N 57  
ASP N    N  N N 58  
ASP CA   C  N S 59  
ASP C    C  N N 60  
ASP O    O  N N 61  
ASP CB   C  N N 62  
ASP CG   C  N N 63  
ASP OD1  O  N N 64  
ASP OD2  O  N N 65  
ASP OXT  O  N N 66  
ASP H    H  N N 67  
ASP H2   H  N N 68  
ASP HA   H  N N 69  
ASP HB2  H  N N 70  
ASP HB3  H  N N 71  
ASP HD2  H  N N 72  
ASP HXT  H  N N 73  
CYS N    N  N N 74  
CYS CA   C  N R 75  
CYS C    C  N N 76  
CYS O    O  N N 77  
CYS CB   C  N N 78  
CYS SG   S  N N 79  
CYS OXT  O  N N 80  
CYS H    H  N N 81  
CYS H2   H  N N 82  
CYS HA   H  N N 83  
CYS HB2  H  N N 84  
CYS HB3  H  N N 85  
CYS HG   H  N N 86  
CYS HXT  H  N N 87  
GLN N    N  N N 88  
GLN CA   C  N S 89  
GLN C    C  N N 90  
GLN O    O  N N 91  
GLN CB   C  N N 92  
GLN CG   C  N N 93  
GLN CD   C  N N 94  
GLN OE1  O  N N 95  
GLN NE2  N  N N 96  
GLN OXT  O  N N 97  
GLN H    H  N N 98  
GLN H2   H  N N 99  
GLN HA   H  N N 100 
GLN HB2  H  N N 101 
GLN HB3  H  N N 102 
GLN HG2  H  N N 103 
GLN HG3  H  N N 104 
GLN HE21 H  N N 105 
GLN HE22 H  N N 106 
GLN HXT  H  N N 107 
GLU N    N  N N 108 
GLU CA   C  N S 109 
GLU C    C  N N 110 
GLU O    O  N N 111 
GLU CB   C  N N 112 
GLU CG   C  N N 113 
GLU CD   C  N N 114 
GLU OE1  O  N N 115 
GLU OE2  O  N N 116 
GLU OXT  O  N N 117 
GLU H    H  N N 118 
GLU H2   H  N N 119 
GLU HA   H  N N 120 
GLU HB2  H  N N 121 
GLU HB3  H  N N 122 
GLU HG2  H  N N 123 
GLU HG3  H  N N 124 
GLU HE2  H  N N 125 
GLU HXT  H  N N 126 
GLY N    N  N N 127 
GLY CA   C  N N 128 
GLY C    C  N N 129 
GLY O    O  N N 130 
GLY OXT  O  N N 131 
GLY H    H  N N 132 
GLY H2   H  N N 133 
GLY HA2  H  N N 134 
GLY HA3  H  N N 135 
GLY HXT  H  N N 136 
HIS N    N  N N 137 
HIS CA   C  N S 138 
HIS C    C  N N 139 
HIS O    O  N N 140 
HIS CB   C  N N 141 
HIS CG   C  Y N 142 
HIS ND1  N  Y N 143 
HIS CD2  C  Y N 144 
HIS CE1  C  Y N 145 
HIS NE2  N  Y N 146 
HIS OXT  O  N N 147 
HIS H    H  N N 148 
HIS H2   H  N N 149 
HIS HA   H  N N 150 
HIS HB2  H  N N 151 
HIS HB3  H  N N 152 
HIS HD1  H  N N 153 
HIS HD2  H  N N 154 
HIS HE1  H  N N 155 
HIS HE2  H  N N 156 
HIS HXT  H  N N 157 
HOH O    O  N N 158 
HOH H1   H  N N 159 
HOH H2   H  N N 160 
ILE N    N  N N 161 
ILE CA   C  N S 162 
ILE C    C  N N 163 
ILE O    O  N N 164 
ILE CB   C  N S 165 
ILE CG1  C  N N 166 
ILE CG2  C  N N 167 
ILE CD1  C  N N 168 
ILE OXT  O  N N 169 
ILE H    H  N N 170 
ILE H2   H  N N 171 
ILE HA   H  N N 172 
ILE HB   H  N N 173 
ILE HG12 H  N N 174 
ILE HG13 H  N N 175 
ILE HG21 H  N N 176 
ILE HG22 H  N N 177 
ILE HG23 H  N N 178 
ILE HD11 H  N N 179 
ILE HD12 H  N N 180 
ILE HD13 H  N N 181 
ILE HXT  H  N N 182 
LEU N    N  N N 183 
LEU CA   C  N S 184 
LEU C    C  N N 185 
LEU O    O  N N 186 
LEU CB   C  N N 187 
LEU CG   C  N N 188 
LEU CD1  C  N N 189 
LEU CD2  C  N N 190 
LEU OXT  O  N N 191 
LEU H    H  N N 192 
LEU H2   H  N N 193 
LEU HA   H  N N 194 
LEU HB2  H  N N 195 
LEU HB3  H  N N 196 
LEU HG   H  N N 197 
LEU HD11 H  N N 198 
LEU HD12 H  N N 199 
LEU HD13 H  N N 200 
LEU HD21 H  N N 201 
LEU HD22 H  N N 202 
LEU HD23 H  N N 203 
LEU HXT  H  N N 204 
LYS N    N  N N 205 
LYS CA   C  N S 206 
LYS C    C  N N 207 
LYS O    O  N N 208 
LYS CB   C  N N 209 
LYS CG   C  N N 210 
LYS CD   C  N N 211 
LYS CE   C  N N 212 
LYS NZ   N  N N 213 
LYS OXT  O  N N 214 
LYS H    H  N N 215 
LYS H2   H  N N 216 
LYS HA   H  N N 217 
LYS HB2  H  N N 218 
LYS HB3  H  N N 219 
LYS HG2  H  N N 220 
LYS HG3  H  N N 221 
LYS HD2  H  N N 222 
LYS HD3  H  N N 223 
LYS HE2  H  N N 224 
LYS HE3  H  N N 225 
LYS HZ1  H  N N 226 
LYS HZ2  H  N N 227 
LYS HZ3  H  N N 228 
LYS HXT  H  N N 229 
MET N    N  N N 230 
MET CA   C  N S 231 
MET C    C  N N 232 
MET O    O  N N 233 
MET CB   C  N N 234 
MET CG   C  N N 235 
MET SD   S  N N 236 
MET CE   C  N N 237 
MET OXT  O  N N 238 
MET H    H  N N 239 
MET H2   H  N N 240 
MET HA   H  N N 241 
MET HB2  H  N N 242 
MET HB3  H  N N 243 
MET HG2  H  N N 244 
MET HG3  H  N N 245 
MET HE1  H  N N 246 
MET HE2  H  N N 247 
MET HE3  H  N N 248 
MET HXT  H  N N 249 
PHE N    N  N N 250 
PHE CA   C  N S 251 
PHE C    C  N N 252 
PHE O    O  N N 253 
PHE CB   C  N N 254 
PHE CG   C  Y N 255 
PHE CD1  C  Y N 256 
PHE CD2  C  Y N 257 
PHE CE1  C  Y N 258 
PHE CE2  C  Y N 259 
PHE CZ   C  Y N 260 
PHE OXT  O  N N 261 
PHE H    H  N N 262 
PHE H2   H  N N 263 
PHE HA   H  N N 264 
PHE HB2  H  N N 265 
PHE HB3  H  N N 266 
PHE HD1  H  N N 267 
PHE HD2  H  N N 268 
PHE HE1  H  N N 269 
PHE HE2  H  N N 270 
PHE HZ   H  N N 271 
PHE HXT  H  N N 272 
PRO N    N  N N 273 
PRO CA   C  N S 274 
PRO C    C  N N 275 
PRO O    O  N N 276 
PRO CB   C  N N 277 
PRO CG   C  N N 278 
PRO CD   C  N N 279 
PRO OXT  O  N N 280 
PRO H    H  N N 281 
PRO HA   H  N N 282 
PRO HB2  H  N N 283 
PRO HB3  H  N N 284 
PRO HG2  H  N N 285 
PRO HG3  H  N N 286 
PRO HD2  H  N N 287 
PRO HD3  H  N N 288 
PRO HXT  H  N N 289 
PT  PT   PT N N 290 
SER N    N  N N 291 
SER CA   C  N S 292 
SER C    C  N N 293 
SER O    O  N N 294 
SER CB   C  N N 295 
SER OG   O  N N 296 
SER OXT  O  N N 297 
SER H    H  N N 298 
SER H2   H  N N 299 
SER HA   H  N N 300 
SER HB2  H  N N 301 
SER HB3  H  N N 302 
SER HG   H  N N 303 
SER HXT  H  N N 304 
THR N    N  N N 305 
THR CA   C  N S 306 
THR C    C  N N 307 
THR O    O  N N 308 
THR CB   C  N R 309 
THR OG1  O  N N 310 
THR CG2  C  N N 311 
THR OXT  O  N N 312 
THR H    H  N N 313 
THR H2   H  N N 314 
THR HA   H  N N 315 
THR HB   H  N N 316 
THR HG1  H  N N 317 
THR HG21 H  N N 318 
THR HG22 H  N N 319 
THR HG23 H  N N 320 
THR HXT  H  N N 321 
TRP N    N  N N 322 
TRP CA   C  N S 323 
TRP C    C  N N 324 
TRP O    O  N N 325 
TRP CB   C  N N 326 
TRP CG   C  Y N 327 
TRP CD1  C  Y N 328 
TRP CD2  C  Y N 329 
TRP NE1  N  Y N 330 
TRP CE2  C  Y N 331 
TRP CE3  C  Y N 332 
TRP CZ2  C  Y N 333 
TRP CZ3  C  Y N 334 
TRP CH2  C  Y N 335 
TRP OXT  O  N N 336 
TRP H    H  N N 337 
TRP H2   H  N N 338 
TRP HA   H  N N 339 
TRP HB2  H  N N 340 
TRP HB3  H  N N 341 
TRP HD1  H  N N 342 
TRP HE1  H  N N 343 
TRP HE3  H  N N 344 
TRP HZ2  H  N N 345 
TRP HZ3  H  N N 346 
TRP HH2  H  N N 347 
TRP HXT  H  N N 348 
TYR N    N  N N 349 
TYR CA   C  N S 350 
TYR C    C  N N 351 
TYR O    O  N N 352 
TYR CB   C  N N 353 
TYR CG   C  Y N 354 
TYR CD1  C  Y N 355 
TYR CD2  C  Y N 356 
TYR CE1  C  Y N 357 
TYR CE2  C  Y N 358 
TYR CZ   C  Y N 359 
TYR OH   O  N N 360 
TYR OXT  O  N N 361 
TYR H    H  N N 362 
TYR H2   H  N N 363 
TYR HA   H  N N 364 
TYR HB2  H  N N 365 
TYR HB3  H  N N 366 
TYR HD1  H  N N 367 
TYR HD2  H  N N 368 
TYR HE1  H  N N 369 
TYR HE2  H  N N 370 
TYR HH   H  N N 371 
TYR HXT  H  N N 372 
VAL N    N  N N 373 
VAL CA   C  N S 374 
VAL C    C  N N 375 
VAL O    O  N N 376 
VAL CB   C  N N 377 
VAL CG1  C  N N 378 
VAL CG2  C  N N 379 
VAL OXT  O  N N 380 
VAL H    H  N N 381 
VAL H2   H  N N 382 
VAL HA   H  N N 383 
VAL HB   H  N N 384 
VAL HG11 H  N N 385 
VAL HG12 H  N N 386 
VAL HG13 H  N N 387 
VAL HG21 H  N N 388 
VAL HG22 H  N N 389 
VAL HG23 H  N N 390 
VAL HXT  H  N N 391 
# 
loop_
_chem_comp_bond.comp_id 
_chem_comp_bond.atom_id_1 
_chem_comp_bond.atom_id_2 
_chem_comp_bond.value_order 
_chem_comp_bond.pdbx_aromatic_flag 
_chem_comp_bond.pdbx_stereo_config 
_chem_comp_bond.pdbx_ordinal 
ALA N   CA   sing N N 1   
ALA N   H    sing N N 2   
ALA N   H2   sing N N 3   
ALA CA  C    sing N N 4   
ALA CA  CB   sing N N 5   
ALA CA  HA   sing N N 6   
ALA C   O    doub N N 7   
ALA C   OXT  sing N N 8   
ALA CB  HB1  sing N N 9   
ALA CB  HB2  sing N N 10  
ALA CB  HB3  sing N N 11  
ALA OXT HXT  sing N N 12  
ARG N   CA   sing N N 13  
ARG N   H    sing N N 14  
ARG N   H2   sing N N 15  
ARG CA  C    sing N N 16  
ARG CA  CB   sing N N 17  
ARG CA  HA   sing N N 18  
ARG C   O    doub N N 19  
ARG C   OXT  sing N N 20  
ARG CB  CG   sing N N 21  
ARG CB  HB2  sing N N 22  
ARG CB  HB3  sing N N 23  
ARG CG  CD   sing N N 24  
ARG CG  HG2  sing N N 25  
ARG CG  HG3  sing N N 26  
ARG CD  NE   sing N N 27  
ARG CD  HD2  sing N N 28  
ARG CD  HD3  sing N N 29  
ARG NE  CZ   sing N N 30  
ARG NE  HE   sing N N 31  
ARG CZ  NH1  sing N N 32  
ARG CZ  NH2  doub N N 33  
ARG NH1 HH11 sing N N 34  
ARG NH1 HH12 sing N N 35  
ARG NH2 HH21 sing N N 36  
ARG NH2 HH22 sing N N 37  
ARG OXT HXT  sing N N 38  
ASN N   CA   sing N N 39  
ASN N   H    sing N N 40  
ASN N   H2   sing N N 41  
ASN CA  C    sing N N 42  
ASN CA  CB   sing N N 43  
ASN CA  HA   sing N N 44  
ASN C   O    doub N N 45  
ASN C   OXT  sing N N 46  
ASN CB  CG   sing N N 47  
ASN CB  HB2  sing N N 48  
ASN CB  HB3  sing N N 49  
ASN CG  OD1  doub N N 50  
ASN CG  ND2  sing N N 51  
ASN ND2 HD21 sing N N 52  
ASN ND2 HD22 sing N N 53  
ASN OXT HXT  sing N N 54  
ASP N   CA   sing N N 55  
ASP N   H    sing N N 56  
ASP N   H2   sing N N 57  
ASP CA  C    sing N N 58  
ASP CA  CB   sing N N 59  
ASP CA  HA   sing N N 60  
ASP C   O    doub N N 61  
ASP C   OXT  sing N N 62  
ASP CB  CG   sing N N 63  
ASP CB  HB2  sing N N 64  
ASP CB  HB3  sing N N 65  
ASP CG  OD1  doub N N 66  
ASP CG  OD2  sing N N 67  
ASP OD2 HD2  sing N N 68  
ASP OXT HXT  sing N N 69  
CYS N   CA   sing N N 70  
CYS N   H    sing N N 71  
CYS N   H2   sing N N 72  
CYS CA  C    sing N N 73  
CYS CA  CB   sing N N 74  
CYS CA  HA   sing N N 75  
CYS C   O    doub N N 76  
CYS C   OXT  sing N N 77  
CYS CB  SG   sing N N 78  
CYS CB  HB2  sing N N 79  
CYS CB  HB3  sing N N 80  
CYS SG  HG   sing N N 81  
CYS OXT HXT  sing N N 82  
GLN N   CA   sing N N 83  
GLN N   H    sing N N 84  
GLN N   H2   sing N N 85  
GLN CA  C    sing N N 86  
GLN CA  CB   sing N N 87  
GLN CA  HA   sing N N 88  
GLN C   O    doub N N 89  
GLN C   OXT  sing N N 90  
GLN CB  CG   sing N N 91  
GLN CB  HB2  sing N N 92  
GLN CB  HB3  sing N N 93  
GLN CG  CD   sing N N 94  
GLN CG  HG2  sing N N 95  
GLN CG  HG3  sing N N 96  
GLN CD  OE1  doub N N 97  
GLN CD  NE2  sing N N 98  
GLN NE2 HE21 sing N N 99  
GLN NE2 HE22 sing N N 100 
GLN OXT HXT  sing N N 101 
GLU N   CA   sing N N 102 
GLU N   H    sing N N 103 
GLU N   H2   sing N N 104 
GLU CA  C    sing N N 105 
GLU CA  CB   sing N N 106 
GLU CA  HA   sing N N 107 
GLU C   O    doub N N 108 
GLU C   OXT  sing N N 109 
GLU CB  CG   sing N N 110 
GLU CB  HB2  sing N N 111 
GLU CB  HB3  sing N N 112 
GLU CG  CD   sing N N 113 
GLU CG  HG2  sing N N 114 
GLU CG  HG3  sing N N 115 
GLU CD  OE1  doub N N 116 
GLU CD  OE2  sing N N 117 
GLU OE2 HE2  sing N N 118 
GLU OXT HXT  sing N N 119 
GLY N   CA   sing N N 120 
GLY N   H    sing N N 121 
GLY N   H2   sing N N 122 
GLY CA  C    sing N N 123 
GLY CA  HA2  sing N N 124 
GLY CA  HA3  sing N N 125 
GLY C   O    doub N N 126 
GLY C   OXT  sing N N 127 
GLY OXT HXT  sing N N 128 
HIS N   CA   sing N N 129 
HIS N   H    sing N N 130 
HIS N   H2   sing N N 131 
HIS CA  C    sing N N 132 
HIS CA  CB   sing N N 133 
HIS CA  HA   sing N N 134 
HIS C   O    doub N N 135 
HIS C   OXT  sing N N 136 
HIS CB  CG   sing N N 137 
HIS CB  HB2  sing N N 138 
HIS CB  HB3  sing N N 139 
HIS CG  ND1  sing Y N 140 
HIS CG  CD2  doub Y N 141 
HIS ND1 CE1  doub Y N 142 
HIS ND1 HD1  sing N N 143 
HIS CD2 NE2  sing Y N 144 
HIS CD2 HD2  sing N N 145 
HIS CE1 NE2  sing Y N 146 
HIS CE1 HE1  sing N N 147 
HIS NE2 HE2  sing N N 148 
HIS OXT HXT  sing N N 149 
HOH O   H1   sing N N 150 
HOH O   H2   sing N N 151 
ILE N   CA   sing N N 152 
ILE N   H    sing N N 153 
ILE N   H2   sing N N 154 
ILE CA  C    sing N N 155 
ILE CA  CB   sing N N 156 
ILE CA  HA   sing N N 157 
ILE C   O    doub N N 158 
ILE C   OXT  sing N N 159 
ILE CB  CG1  sing N N 160 
ILE CB  CG2  sing N N 161 
ILE CB  HB   sing N N 162 
ILE CG1 CD1  sing N N 163 
ILE CG1 HG12 sing N N 164 
ILE CG1 HG13 sing N N 165 
ILE CG2 HG21 sing N N 166 
ILE CG2 HG22 sing N N 167 
ILE CG2 HG23 sing N N 168 
ILE CD1 HD11 sing N N 169 
ILE CD1 HD12 sing N N 170 
ILE CD1 HD13 sing N N 171 
ILE OXT HXT  sing N N 172 
LEU N   CA   sing N N 173 
LEU N   H    sing N N 174 
LEU N   H2   sing N N 175 
LEU CA  C    sing N N 176 
LEU CA  CB   sing N N 177 
LEU CA  HA   sing N N 178 
LEU C   O    doub N N 179 
LEU C   OXT  sing N N 180 
LEU CB  CG   sing N N 181 
LEU CB  HB2  sing N N 182 
LEU CB  HB3  sing N N 183 
LEU CG  CD1  sing N N 184 
LEU CG  CD2  sing N N 185 
LEU CG  HG   sing N N 186 
LEU CD1 HD11 sing N N 187 
LEU CD1 HD12 sing N N 188 
LEU CD1 HD13 sing N N 189 
LEU CD2 HD21 sing N N 190 
LEU CD2 HD22 sing N N 191 
LEU CD2 HD23 sing N N 192 
LEU OXT HXT  sing N N 193 
LYS N   CA   sing N N 194 
LYS N   H    sing N N 195 
LYS N   H2   sing N N 196 
LYS CA  C    sing N N 197 
LYS CA  CB   sing N N 198 
LYS CA  HA   sing N N 199 
LYS C   O    doub N N 200 
LYS C   OXT  sing N N 201 
LYS CB  CG   sing N N 202 
LYS CB  HB2  sing N N 203 
LYS CB  HB3  sing N N 204 
LYS CG  CD   sing N N 205 
LYS CG  HG2  sing N N 206 
LYS CG  HG3  sing N N 207 
LYS CD  CE   sing N N 208 
LYS CD  HD2  sing N N 209 
LYS CD  HD3  sing N N 210 
LYS CE  NZ   sing N N 211 
LYS CE  HE2  sing N N 212 
LYS CE  HE3  sing N N 213 
LYS NZ  HZ1  sing N N 214 
LYS NZ  HZ2  sing N N 215 
LYS NZ  HZ3  sing N N 216 
LYS OXT HXT  sing N N 217 
MET N   CA   sing N N 218 
MET N   H    sing N N 219 
MET N   H2   sing N N 220 
MET CA  C    sing N N 221 
MET CA  CB   sing N N 222 
MET CA  HA   sing N N 223 
MET C   O    doub N N 224 
MET C   OXT  sing N N 225 
MET CB  CG   sing N N 226 
MET CB  HB2  sing N N 227 
MET CB  HB3  sing N N 228 
MET CG  SD   sing N N 229 
MET CG  HG2  sing N N 230 
MET CG  HG3  sing N N 231 
MET SD  CE   sing N N 232 
MET CE  HE1  sing N N 233 
MET CE  HE2  sing N N 234 
MET CE  HE3  sing N N 235 
MET OXT HXT  sing N N 236 
PHE N   CA   sing N N 237 
PHE N   H    sing N N 238 
PHE N   H2   sing N N 239 
PHE CA  C    sing N N 240 
PHE CA  CB   sing N N 241 
PHE CA  HA   sing N N 242 
PHE C   O    doub N N 243 
PHE C   OXT  sing N N 244 
PHE CB  CG   sing N N 245 
PHE CB  HB2  sing N N 246 
PHE CB  HB3  sing N N 247 
PHE CG  CD1  doub Y N 248 
PHE CG  CD2  sing Y N 249 
PHE CD1 CE1  sing Y N 250 
PHE CD1 HD1  sing N N 251 
PHE CD2 CE2  doub Y N 252 
PHE CD2 HD2  sing N N 253 
PHE CE1 CZ   doub Y N 254 
PHE CE1 HE1  sing N N 255 
PHE CE2 CZ   sing Y N 256 
PHE CE2 HE2  sing N N 257 
PHE CZ  HZ   sing N N 258 
PHE OXT HXT  sing N N 259 
PRO N   CA   sing N N 260 
PRO N   CD   sing N N 261 
PRO N   H    sing N N 262 
PRO CA  C    sing N N 263 
PRO CA  CB   sing N N 264 
PRO CA  HA   sing N N 265 
PRO C   O    doub N N 266 
PRO C   OXT  sing N N 267 
PRO CB  CG   sing N N 268 
PRO CB  HB2  sing N N 269 
PRO CB  HB3  sing N N 270 
PRO CG  CD   sing N N 271 
PRO CG  HG2  sing N N 272 
PRO CG  HG3  sing N N 273 
PRO CD  HD2  sing N N 274 
PRO CD  HD3  sing N N 275 
PRO OXT HXT  sing N N 276 
SER N   CA   sing N N 277 
SER N   H    sing N N 278 
SER N   H2   sing N N 279 
SER CA  C    sing N N 280 
SER CA  CB   sing N N 281 
SER CA  HA   sing N N 282 
SER C   O    doub N N 283 
SER C   OXT  sing N N 284 
SER CB  OG   sing N N 285 
SER CB  HB2  sing N N 286 
SER CB  HB3  sing N N 287 
SER OG  HG   sing N N 288 
SER OXT HXT  sing N N 289 
THR N   CA   sing N N 290 
THR N   H    sing N N 291 
THR N   H2   sing N N 292 
THR CA  C    sing N N 293 
THR CA  CB   sing N N 294 
THR CA  HA   sing N N 295 
THR C   O    doub N N 296 
THR C   OXT  sing N N 297 
THR CB  OG1  sing N N 298 
THR CB  CG2  sing N N 299 
THR CB  HB   sing N N 300 
THR OG1 HG1  sing N N 301 
THR CG2 HG21 sing N N 302 
THR CG2 HG22 sing N N 303 
THR CG2 HG23 sing N N 304 
THR OXT HXT  sing N N 305 
TRP N   CA   sing N N 306 
TRP N   H    sing N N 307 
TRP N   H2   sing N N 308 
TRP CA  C    sing N N 309 
TRP CA  CB   sing N N 310 
TRP CA  HA   sing N N 311 
TRP C   O    doub N N 312 
TRP C   OXT  sing N N 313 
TRP CB  CG   sing N N 314 
TRP CB  HB2  sing N N 315 
TRP CB  HB3  sing N N 316 
TRP CG  CD1  doub Y N 317 
TRP CG  CD2  sing Y N 318 
TRP CD1 NE1  sing Y N 319 
TRP CD1 HD1  sing N N 320 
TRP CD2 CE2  doub Y N 321 
TRP CD2 CE3  sing Y N 322 
TRP NE1 CE2  sing Y N 323 
TRP NE1 HE1  sing N N 324 
TRP CE2 CZ2  sing Y N 325 
TRP CE3 CZ3  doub Y N 326 
TRP CE3 HE3  sing N N 327 
TRP CZ2 CH2  doub Y N 328 
TRP CZ2 HZ2  sing N N 329 
TRP CZ3 CH2  sing Y N 330 
TRP CZ3 HZ3  sing N N 331 
TRP CH2 HH2  sing N N 332 
TRP OXT HXT  sing N N 333 
TYR N   CA   sing N N 334 
TYR N   H    sing N N 335 
TYR N   H2   sing N N 336 
TYR CA  C    sing N N 337 
TYR CA  CB   sing N N 338 
TYR CA  HA   sing N N 339 
TYR C   O    doub N N 340 
TYR C   OXT  sing N N 341 
TYR CB  CG   sing N N 342 
TYR CB  HB2  sing N N 343 
TYR CB  HB3  sing N N 344 
TYR CG  CD1  doub Y N 345 
TYR CG  CD2  sing Y N 346 
TYR CD1 CE1  sing Y N 347 
TYR CD1 HD1  sing N N 348 
TYR CD2 CE2  doub Y N 349 
TYR CD2 HD2  sing N N 350 
TYR CE1 CZ   doub Y N 351 
TYR CE1 HE1  sing N N 352 
TYR CE2 CZ   sing Y N 353 
TYR CE2 HE2  sing N N 354 
TYR CZ  OH   sing N N 355 
TYR OH  HH   sing N N 356 
TYR OXT HXT  sing N N 357 
VAL N   CA   sing N N 358 
VAL N   H    sing N N 359 
VAL N   H2   sing N N 360 
VAL CA  C    sing N N 361 
VAL CA  CB   sing N N 362 
VAL CA  HA   sing N N 363 
VAL C   O    doub N N 364 
VAL C   OXT  sing N N 365 
VAL CB  CG1  sing N N 366 
VAL CB  CG2  sing N N 367 
VAL CB  HB   sing N N 368 
VAL CG1 HG11 sing N N 369 
VAL CG1 HG12 sing N N 370 
VAL CG1 HG13 sing N N 371 
VAL CG2 HG21 sing N N 372 
VAL CG2 HG22 sing N N 373 
VAL CG2 HG23 sing N N 374 
VAL OXT HXT  sing N N 375 
# 
_atom_sites.entry_id                    1RR7 
_atom_sites.fract_transf_matrix[1][1]   -0.01045569 
_atom_sites.fract_transf_matrix[1][2]   -0.00882153 
_atom_sites.fract_transf_matrix[1][3]   0.00359847 
_atom_sites.fract_transf_matrix[2][1]   -0.00797934 
_atom_sites.fract_transf_matrix[2][2]   -0.00597699 
_atom_sites.fract_transf_matrix[2][3]   -0.01003428 
_atom_sites.fract_transf_matrix[3][1]   0.01415990 
_atom_sites.fract_transf_matrix[3][2]   -0.01719752 
_atom_sites.fract_transf_matrix[3][3]   -0.00101625 
_atom_sites.fract_transf_vector[1]      0.102711 
_atom_sites.fract_transf_vector[2]      -0.470229 
_atom_sites.fract_transf_vector[3]      0.212136 
# 
loop_
_atom_type.symbol 
C  
N  
O  
PT 
S  
# 
loop_
_atom_site.group_PDB 
_atom_site.id 
_atom_site.type_symbol 
_atom_site.label_atom_id 
_atom_site.label_alt_id 
_atom_site.label_comp_id 
_atom_site.label_asym_id 
_atom_site.label_entity_id 
_atom_site.label_seq_id 
_atom_site.pdbx_PDB_ins_code 
_atom_site.Cartn_x 
_atom_site.Cartn_y 
_atom_site.Cartn_z 
_atom_site.occupancy 
_atom_site.B_iso_or_equiv 
_atom_site.pdbx_formal_charge 
_atom_site.auth_seq_id 
_atom_site.auth_comp_id 
_atom_site.auth_asym_id 
_atom_site.auth_atom_id 
_atom_site.pdbx_PDB_model_num 
ATOM   1   N  N   . ARG A 1 27  ? 20.411  -0.837  8.665   1.00 89.77  ? 27  ARG A N   1 
ATOM   2   C  CA  . ARG A 1 27  ? 20.285  -1.989  7.723   1.00 89.11  ? 27  ARG A CA  1 
ATOM   3   C  C   . ARG A 1 27  ? 20.272  -1.661  6.232   1.00 88.07  ? 27  ARG A C   1 
ATOM   4   O  O   . ARG A 1 27  ? 20.655  -2.457  5.382   1.00 88.60  ? 27  ARG A O   1 
ATOM   5   C  CB  . ARG A 1 27  ? 19.006  -2.737  8.008   1.00 90.76  ? 27  ARG A CB  1 
ATOM   6   C  CG  . ARG A 1 27  ? 19.146  -3.824  9.050   1.00 92.18  ? 27  ARG A CG  1 
ATOM   7   C  CD  . ARG A 1 27  ? 19.989  -3.389  10.227  1.00 94.00  ? 27  ARG A CD  1 
ATOM   8   N  NE  . ARG A 1 27  ? 20.116  -4.425  11.243  1.00 95.38  ? 27  ARG A NE  1 
ATOM   9   C  CZ  . ARG A 1 27  ? 21.020  -4.411  12.223  1.00 95.77  ? 27  ARG A CZ  1 
ATOM   10  N  NH1 . ARG A 1 27  ? 21.892  -3.419  12.340  1.00 95.69  ? 27  ARG A NH1 1 
ATOM   11  N  NH2 . ARG A 1 27  ? 21.071  -5.408  13.094  1.00 95.94  ? 27  ARG A NH2 1 
ATOM   12  N  N   . PHE A 1 28  ? 19.809  -0.469  5.917   1.00 86.29  ? 28  PHE A N   1 
ATOM   13  C  CA  . PHE A 1 28  ? 19.690  -0.029  4.527   1.00 84.90  ? 28  PHE A CA  1 
ATOM   14  C  C   . PHE A 1 28  ? 20.691  -0.503  3.448   1.00 82.67  ? 28  PHE A C   1 
ATOM   15  O  O   . PHE A 1 28  ? 20.294  -0.642  2.295   1.00 84.61  ? 28  PHE A O   1 
ATOM   16  C  CB  . PHE A 1 28  ? 19.618  1.469   4.513   1.00 86.41  ? 28  PHE A CB  1 
ATOM   17  C  CG  . PHE A 1 28  ? 20.886  2.125   4.872   1.00 87.56  ? 28  PHE A CG  1 
ATOM   18  C  CD1 . PHE A 1 28  ? 21.334  2.206   6.195   1.00 87.69  ? 28  PHE A CD1 1 
ATOM   19  C  CD2 . PHE A 1 28  ? 21.559  2.799   3.881   1.00 87.73  ? 28  PHE A CD2 1 
ATOM   20  C  CE1 . PHE A 1 28  ? 22.442  3.004   6.504   1.00 88.10  ? 28  PHE A CE1 1 
ATOM   21  C  CE2 . PHE A 1 28  ? 22.639  3.581   4.163   1.00 88.29  ? 28  PHE A CE2 1 
ATOM   22  C  CZ  . PHE A 1 28  ? 23.093  3.697   5.477   1.00 87.96  ? 28  PHE A CZ  1 
ATOM   23  N  N   . PRO A 1 29  ? 22.000  -0.707  3.763   1.00 79.81  ? 29  PRO A N   1 
ATOM   24  C  CA  . PRO A 1 29  ? 22.760  -1.170  2.581   1.00 77.56  ? 29  PRO A CA  1 
ATOM   25  C  C   . PRO A 1 29  ? 22.173  -2.511  2.153   1.00 75.41  ? 29  PRO A C   1 
ATOM   26  O  O   . PRO A 1 29  ? 22.161  -2.872  0.976   1.00 76.72  ? 29  PRO A O   1 
ATOM   27  C  CB  . PRO A 1 29  ? 24.194  -1.371  3.098   1.00 77.89  ? 29  PRO A CB  1 
ATOM   28  C  CG  . PRO A 1 29  ? 24.296  -0.535  4.339   1.00 78.19  ? 29  PRO A CG  1 
ATOM   29  C  CD  . PRO A 1 29  ? 22.875  -0.532  4.941   1.00 78.94  ? 29  PRO A CD  1 
ATOM   30  N  N   . ALA A 1 30  ? 21.687  -3.236  3.153   1.00 71.92  ? 30  ALA A N   1 
ATOM   31  C  CA  . ALA A 1 30  ? 21.094  -4.543  2.954   1.00 69.16  ? 30  ALA A CA  1 
ATOM   32  C  C   . ALA A 1 30  ? 19.602  -4.442  2.657   1.00 66.60  ? 30  ALA A C   1 
ATOM   33  O  O   . ALA A 1 30  ? 19.089  -5.127  1.775   1.00 64.38  ? 30  ALA A O   1 
ATOM   34  C  CB  . ALA A 1 30  ? 21.333  -5.386  4.181   1.00 69.10  ? 30  ALA A CB  1 
ATOM   35  N  N   . LEU A 1 31  ? 18.899  -3.587  3.388   1.00 65.37  ? 31  LEU A N   1 
ATOM   36  C  CA  . LEU A 1 31  ? 17.475  -3.436  3.134   1.00 64.24  ? 31  LEU A CA  1 
ATOM   37  C  C   . LEU A 1 31  ? 17.251  -2.806  1.760   1.00 62.26  ? 31  LEU A C   1 
ATOM   38  O  O   . LEU A 1 31  ? 16.417  -3.278  0.990   1.00 61.84  ? 31  LEU A O   1 
ATOM   39  C  CB  . LEU A 1 31  ? 16.827  -2.592  4.229   1.00 66.07  ? 31  LEU A CB  1 
ATOM   40  C  CG  . LEU A 1 31  ? 15.822  -1.539  3.783   1.00 68.82  ? 31  LEU A CG  1 
ATOM   41  C  CD1 . LEU A 1 31  ? 14.704  -2.150  2.928   1.00 69.47  ? 31  LEU A CD1 1 
ATOM   42  C  CD2 . LEU A 1 31  ? 15.250  -0.891  5.022   1.00 69.27  ? 31  LEU A CD2 1 
ATOM   43  N  N   . LEU A 1 32  ? 17.988  -1.747  1.447   1.00 60.74  ? 32  LEU A N   1 
ATOM   44  C  CA  . LEU A 1 32  ? 17.824  -1.117  0.148   1.00 59.90  ? 32  LEU A CA  1 
ATOM   45  C  C   . LEU A 1 32  ? 18.211  -2.093  -0.955  1.00 58.70  ? 32  LEU A C   1 
ATOM   46  O  O   . LEU A 1 32  ? 17.661  -2.043  -2.053  1.00 56.73  ? 32  LEU A O   1 
ATOM   47  C  CB  . LEU A 1 32  ? 18.664  0.158   0.039   1.00 61.07  ? 32  LEU A CB  1 
ATOM   48  C  CG  . LEU A 1 32  ? 18.308  1.301   0.991   1.00 63.82  ? 32  LEU A CG  1 
ATOM   49  C  CD1 . LEU A 1 32  ? 18.996  2.574   0.521   1.00 64.99  ? 32  LEU A CD1 1 
ATOM   50  C  CD2 . LEU A 1 32  ? 16.804  1.515   1.031   1.00 64.67  ? 32  LEU A CD2 1 
ATOM   51  N  N   . ALA A 1 33  ? 19.154  -2.983  -0.661  1.00 59.23  ? 33  ALA A N   1 
ATOM   52  C  CA  . ALA A 1 33  ? 19.583  -3.971  -1.643  1.00 60.49  ? 33  ALA A CA  1 
ATOM   53  C  C   . ALA A 1 33  ? 18.431  -4.934  -1.897  1.00 61.53  ? 33  ALA A C   1 
ATOM   54  O  O   . ALA A 1 33  ? 18.134  -5.268  -3.045  1.00 61.92  ? 33  ALA A O   1 
ATOM   55  C  CB  . ALA A 1 33  ? 20.803  -4.726  -1.142  1.00 61.38  ? 33  ALA A CB  1 
ATOM   56  N  N   . GLU A 1 34  ? 17.777  -5.378  -0.827  1.00 62.34  ? 34  GLU A N   1 
ATOM   57  C  CA  . GLU A 1 34  ? 16.642  -6.286  -0.968  1.00 63.49  ? 34  GLU A CA  1 
ATOM   58  C  C   . GLU A 1 34  ? 15.508  -5.568  -1.687  1.00 61.64  ? 34  GLU A C   1 
ATOM   59  O  O   . GLU A 1 34  ? 14.906  -6.097  -2.620  1.00 60.58  ? 34  GLU A O   1 
ATOM   60  C  CB  . GLU A 1 34  ? 16.160  -6.758  0.403   1.00 66.10  ? 34  GLU A CB  1 
ATOM   61  C  CG  . GLU A 1 34  ? 17.155  -7.638  1.124   1.00 72.55  ? 34  GLU A CG  1 
ATOM   62  C  CD  . GLU A 1 34  ? 17.537  -8.856  0.308   1.00 76.31  ? 34  GLU A CD  1 
ATOM   63  O  OE1 . GLU A 1 34  ? 16.622  -9.522  -0.234  1.00 79.50  ? 34  GLU A OE1 1 
ATOM   64  O  OE2 . GLU A 1 34  ? 18.753  -9.160  0.204   1.00 78.78  ? 34  GLU A OE2 1 
ATOM   65  N  N   . LEU A 1 35  ? 15.228  -4.349  -1.249  1.00 59.94  ? 35  LEU A N   1 
ATOM   66  C  CA  . LEU A 1 35  ? 14.166  -3.554  -1.845  1.00 60.13  ? 35  LEU A CA  1 
ATOM   67  C  C   . LEU A 1 35  ? 14.345  -3.437  -3.356  1.00 60.88  ? 35  LEU A C   1 
ATOM   68  O  O   . LEU A 1 35  ? 13.369  -3.387  -4.104  1.00 61.56  ? 35  LEU A O   1 
ATOM   69  C  CB  . LEU A 1 35  ? 14.148  -2.169  -1.201  1.00 59.13  ? 35  LEU A CB  1 
ATOM   70  C  CG  . LEU A 1 35  ? 13.124  -1.168  -1.715  1.00 58.96  ? 35  LEU A CG  1 
ATOM   71  C  CD1 . LEU A 1 35  ? 11.730  -1.789  -1.715  1.00 60.91  ? 35  LEU A CD1 1 
ATOM   72  C  CD2 . LEU A 1 35  ? 13.170  0.070   -0.834  1.00 57.02  ? 35  LEU A CD2 1 
ATOM   73  N  N   . ASN A 1 36  ? 15.602  -3.400  -3.793  1.00 61.09  ? 36  ASN A N   1 
ATOM   74  C  CA  . ASN A 1 36  ? 15.933  -3.280  -5.208  1.00 61.91  ? 36  ASN A CA  1 
ATOM   75  C  C   . ASN A 1 36  ? 15.603  -4.559  -5.981  1.00 61.89  ? 36  ASN A C   1 
ATOM   76  O  O   . ASN A 1 36  ? 14.933  -4.507  -7.006  1.00 61.08  ? 36  ASN A O   1 
ATOM   77  C  CB  . ASN A 1 36  ? 17.420  -2.942  -5.360  1.00 61.53  ? 36  ASN A CB  1 
ATOM   78  C  CG  . ASN A 1 36  ? 17.801  -2.583  -6.785  1.00 60.71  ? 36  ASN A CG  1 
ATOM   79  O  OD1 . ASN A 1 36  ? 18.834  -3.024  -7.281  1.00 61.49  ? 36  ASN A OD1 1 
ATOM   80  N  ND2 . ASN A 1 36  ? 16.982  -1.770  -7.441  1.00 58.23  ? 36  ASN A ND2 1 
ATOM   81  N  N   . ASP A 1 37  ? 16.068  -5.706  -5.490  1.00 64.54  ? 37  ASP A N   1 
ATOM   82  C  CA  . ASP A 1 37  ? 15.794  -6.975  -6.164  1.00 67.05  ? 37  ASP A CA  1 
ATOM   83  C  C   . ASP A 1 37  ? 14.299  -7.253  -6.225  1.00 67.43  ? 37  ASP A C   1 
ATOM   84  O  O   . ASP A 1 37  ? 13.785  -7.672  -7.261  1.00 67.51  ? 37  ASP A O   1 
ATOM   85  C  CB  . ASP A 1 37  ? 16.499  -8.142  -5.461  1.00 68.72  ? 37  ASP A CB  1 
ATOM   86  C  CG  . ASP A 1 37  ? 18.012  -8.071  -5.582  1.00 72.68  ? 37  ASP A CG  1 
ATOM   87  O  OD1 . ASP A 1 37  ? 18.511  -7.590  -6.628  1.00 73.78  ? 37  ASP A OD1 1 
ATOM   88  O  OD2 . ASP A 1 37  ? 18.709  -8.514  -4.638  1.00 73.61  ? 37  ASP A OD2 1 
ATOM   89  N  N   . LEU A 1 38  ? 13.605  -7.022  -5.115  1.00 67.44  ? 38  LEU A N   1 
ATOM   90  C  CA  . LEU A 1 38  ? 12.165  -7.244  -5.066  1.00 67.91  ? 38  LEU A CA  1 
ATOM   91  C  C   . LEU A 1 38  ? 11.481  -6.399  -6.127  1.00 68.84  ? 38  LEU A C   1 
ATOM   92  O  O   . LEU A 1 38  ? 10.618  -6.882  -6.860  1.00 68.73  ? 38  LEU A O   1 
ATOM   93  C  CB  . LEU A 1 38  ? 11.611  -6.883  -3.682  1.00 67.48  ? 38  LEU A CB  1 
ATOM   94  C  CG  . LEU A 1 38  ? 10.101  -7.028  -3.448  1.00 67.51  ? 38  LEU A CG  1 
ATOM   95  C  CD1 . LEU A 1 38  ? 9.825   -7.073  -1.956  1.00 67.50  ? 38  LEU A CD1 1 
ATOM   96  C  CD2 . LEU A 1 38  ? 9.345   -5.878  -4.095  1.00 66.56  ? 38  LEU A CD2 1 
ATOM   97  N  N   . LEU A 1 39  ? 11.882  -5.133  -6.208  1.00 69.97  ? 39  LEU A N   1 
ATOM   98  C  CA  . LEU A 1 39  ? 11.303  -4.198  -7.165  1.00 71.67  ? 39  LEU A CA  1 
ATOM   99  C  C   . LEU A 1 39  ? 11.519  -4.552  -8.631  1.00 73.41  ? 39  LEU A C   1 
ATOM   100 O  O   . LEU A 1 39  ? 10.606  -4.406  -9.440  1.00 73.45  ? 39  LEU A O   1 
ATOM   101 C  CB  . LEU A 1 39  ? 11.829  -2.784  -6.904  1.00 71.87  ? 39  LEU A CB  1 
ATOM   102 C  CG  . LEU A 1 39  ? 11.133  -2.007  -5.786  1.00 71.89  ? 39  LEU A CG  1 
ATOM   103 C  CD1 . LEU A 1 39  ? 11.883  -0.718  -5.480  1.00 71.27  ? 39  LEU A CD1 1 
ATOM   104 C  CD2 . LEU A 1 39  ? 9.706   -1.709  -6.217  1.00 71.26  ? 39  LEU A CD2 1 
ATOM   105 N  N   . ARG A 1 40  ? 12.713  -5.012  -8.989  1.00 75.66  ? 40  ARG A N   1 
ATOM   106 C  CA  . ARG A 1 40  ? 12.954  -5.347  -10.385 1.00 78.60  ? 40  ARG A CA  1 
ATOM   107 C  C   . ARG A 1 40  ? 12.272  -6.660  -10.745 1.00 80.25  ? 40  ARG A C   1 
ATOM   108 O  O   . ARG A 1 40  ? 12.070  -6.963  -11.921 1.00 80.76  ? 40  ARG A O   1 
ATOM   109 C  CB  . ARG A 1 40  ? 14.461  -5.387  -10.689 1.00 79.43  ? 40  ARG A CB  1 
ATOM   110 C  CG  . ARG A 1 40  ? 15.258  -6.509  -10.046 1.00 80.71  ? 40  ARG A CG  1 
ATOM   111 C  CD  . ARG A 1 40  ? 16.751  -6.165  -10.044 1.00 81.26  ? 40  ARG A CD  1 
ATOM   112 N  NE  . ARG A 1 40  ? 17.194  -5.563  -11.301 1.00 82.57  ? 40  ARG A NE  1 
ATOM   113 C  CZ  . ARG A 1 40  ? 17.377  -6.227  -12.440 1.00 82.75  ? 40  ARG A CZ  1 
ATOM   114 N  NH1 . ARG A 1 40  ? 17.162  -7.535  -12.494 1.00 82.98  ? 40  ARG A NH1 1 
ATOM   115 N  NH2 . ARG A 1 40  ? 17.761  -5.578  -13.533 1.00 81.31  ? 40  ARG A NH2 1 
ATOM   116 N  N   . GLY A 1 41  ? 11.906  -7.432  -9.729  1.00 81.60  ? 41  GLY A N   1 
ATOM   117 C  CA  . GLY A 1 41  ? 11.213  -8.681  -9.975  1.00 83.11  ? 41  GLY A CA  1 
ATOM   118 C  C   . GLY A 1 41  ? 9.789   -8.316  -10.350 1.00 84.35  ? 41  GLY A C   1 
ATOM   119 O  O   . GLY A 1 41  ? 9.283   -8.696  -11.408 1.00 85.04  ? 41  GLY A O   1 
ATOM   120 N  N   . GLU A 1 42  ? 9.146   -7.550  -9.475  1.00 85.00  ? 42  GLU A N   1 
ATOM   121 C  CA  . GLU A 1 42  ? 7.779   -7.105  -9.695  1.00 85.37  ? 42  GLU A CA  1 
ATOM   122 C  C   . GLU A 1 42  ? 7.692   -6.235  -10.942 1.00 85.59  ? 42  GLU A C   1 
ATOM   123 O  O   . GLU A 1 42  ? 6.636   -6.143  -11.569 1.00 85.34  ? 42  GLU A O   1 
ATOM   124 C  CB  . GLU A 1 42  ? 7.286   -6.329  -8.471  1.00 85.26  ? 42  GLU A CB  1 
ATOM   125 C  CG  . GLU A 1 42  ? 7.282   -7.162  -7.197  1.00 86.44  ? 42  GLU A CG  1 
ATOM   126 C  CD  . GLU A 1 42  ? 6.215   -8.249  -7.205  1.00 87.49  ? 42  GLU A CD  1 
ATOM   127 O  OE1 . GLU A 1 42  ? 5.947   -8.830  -8.280  1.00 88.22  ? 42  GLU A OE1 1 
ATOM   128 O  OE2 . GLU A 1 42  ? 5.651   -8.532  -6.127  1.00 87.40  ? 42  GLU A OE2 1 
ATOM   129 N  N   . LEU A 1 43  ? 8.801   -5.595  -11.301 1.00 86.35  ? 43  LEU A N   1 
ATOM   130 C  CA  . LEU A 1 43  ? 8.826   -4.748  -12.489 1.00 87.21  ? 43  LEU A CA  1 
ATOM   131 C  C   . LEU A 1 43  ? 8.678   -5.608  -13.734 1.00 87.97  ? 43  LEU A C   1 
ATOM   132 O  O   . LEU A 1 43  ? 7.697   -5.490  -14.470 1.00 87.64  ? 43  LEU A O   1 
ATOM   133 C  CB  . LEU A 1 43  ? 10.135  -3.956  -12.570 1.00 86.70  ? 43  LEU A CB  1 
ATOM   134 C  CG  . LEU A 1 43  ? 10.272  -2.731  -11.668 1.00 85.91  ? 43  LEU A CG  1 
ATOM   135 C  CD1 . LEU A 1 43  ? 11.629  -2.092  -11.887 1.00 85.93  ? 43  LEU A CD1 1 
ATOM   136 C  CD2 . LEU A 1 43  ? 9.165   -1.742  -11.977 1.00 85.42  ? 43  LEU A CD2 1 
ATOM   137 N  N   . SER A 1 44  ? 9.657   -6.476  -13.967 1.00 88.38  ? 44  SER A N   1 
ATOM   138 C  CA  . SER A 1 44  ? 9.621   -7.356  -15.122 1.00 89.71  ? 44  SER A CA  1 
ATOM   139 C  C   . SER A 1 44  ? 8.345   -8.188  -15.065 1.00 90.59  ? 44  SER A C   1 
ATOM   140 O  O   . SER A 1 44  ? 7.782   -8.552  -16.098 1.00 90.86  ? 44  SER A O   1 
ATOM   141 C  CB  . SER A 1 44  ? 10.839  -8.276  -15.127 1.00 89.61  ? 44  SER A CB  1 
ATOM   142 O  OG  . SER A 1 44  ? 10.845  -9.112  -13.984 1.00 89.93  ? 44  SER A OG  1 
ATOM   143 N  N   . ARG A 1 45  ? 7.893   -8.490  -13.851 1.00 91.28  ? 45  ARG A N   1 
ATOM   144 C  CA  . ARG A 1 45  ? 6.674   -9.267  -13.670 1.00 91.37  ? 45  ARG A CA  1 
ATOM   145 C  C   . ARG A 1 45  ? 5.540   -8.524  -14.364 1.00 91.57  ? 45  ARG A C   1 
ATOM   146 O  O   . ARG A 1 45  ? 4.698   -9.131  -15.021 1.00 92.11  ? 45  ARG A O   1 
ATOM   147 C  CB  . ARG A 1 45  ? 6.365   -9.432  -12.188 1.00 91.23  ? 45  ARG A CB  1 
ATOM   148 N  N   . LEU A 1 46  ? 5.531   -7.204  -14.213 1.00 91.74  ? 46  LEU A N   1 
ATOM   149 C  CA  . LEU A 1 46  ? 4.514   -6.363  -14.832 1.00 91.65  ? 46  LEU A CA  1 
ATOM   150 C  C   . LEU A 1 46  ? 5.030   -5.897  -16.189 1.00 92.08  ? 46  LEU A C   1 
ATOM   151 O  O   . LEU A 1 46  ? 4.435   -5.030  -16.831 1.00 91.73  ? 46  LEU A O   1 
ATOM   152 C  CB  . LEU A 1 46  ? 4.219   -5.166  -13.943 1.00 91.73  ? 46  LEU A CB  1 
ATOM   153 N  N   . GLY A 1 47  ? 6.152   -6.477  -16.610 1.00 92.57  ? 47  GLY A N   1 
ATOM   154 C  CA  . GLY A 1 47  ? 6.740   -6.121  -17.890 1.00 93.17  ? 47  GLY A CA  1 
ATOM   155 C  C   . GLY A 1 47  ? 7.885   -5.128  -17.798 1.00 93.43  ? 47  GLY A C   1 
ATOM   156 O  O   . GLY A 1 47  ? 9.029   -5.463  -18.109 1.00 94.09  ? 47  GLY A O   1 
ATOM   157 N  N   . VAL A 1 48  ? 7.567   -3.905  -17.375 1.00 93.24  ? 48  VAL A N   1 
ATOM   158 C  CA  . VAL A 1 48  ? 8.539   -2.823  -17.237 1.00 92.94  ? 48  VAL A CA  1 
ATOM   159 C  C   . VAL A 1 48  ? 9.984   -3.295  -17.097 1.00 92.93  ? 48  VAL A C   1 
ATOM   160 O  O   . VAL A 1 48  ? 10.289  -4.181  -16.297 1.00 93.79  ? 48  VAL A O   1 
ATOM   161 C  CB  . VAL A 1 48  ? 8.164   -1.945  -16.046 1.00 92.48  ? 48  VAL A CB  1 
ATOM   162 N  N   . ASP A 1 49  ? 10.870  -2.695  -17.887 1.00 92.32  ? 49  ASP A N   1 
ATOM   163 C  CA  . ASP A 1 49  ? 12.290  -3.035  -17.856 1.00 91.34  ? 49  ASP A CA  1 
ATOM   164 C  C   . ASP A 1 49  ? 12.824  -2.977  -16.423 1.00 90.24  ? 49  ASP A C   1 
ATOM   165 O  O   . ASP A 1 49  ? 12.755  -1.941  -15.765 1.00 89.82  ? 49  ASP A O   1 
ATOM   166 C  CB  . ASP A 1 49  ? 13.069  -2.083  -18.764 1.00 91.74  ? 49  ASP A CB  1 
ATOM   167 C  CG  . ASP A 1 49  ? 14.566  -2.261  -18.646 1.00 92.28  ? 49  ASP A CG  1 
ATOM   168 O  OD1 . ASP A 1 49  ? 15.024  -3.422  -18.572 1.00 92.15  ? 49  ASP A OD1 1 
ATOM   169 O  OD2 . ASP A 1 49  ? 15.282  -1.237  -18.638 1.00 92.77  ? 49  ASP A OD2 1 
ATOM   170 N  N   . PRO A 1 50  ? 13.367  -4.102  -15.928 1.00 89.18  ? 50  PRO A N   1 
ATOM   171 C  CA  . PRO A 1 50  ? 13.927  -4.273  -14.583 1.00 88.72  ? 50  PRO A CA  1 
ATOM   172 C  C   . PRO A 1 50  ? 15.033  -3.295  -14.206 1.00 87.93  ? 50  PRO A C   1 
ATOM   173 O  O   . PRO A 1 50  ? 15.626  -3.399  -13.127 1.00 87.77  ? 50  PRO A O   1 
ATOM   174 C  CB  . PRO A 1 50  ? 14.421  -5.718  -14.602 1.00 89.02  ? 50  PRO A CB  1 
ATOM   175 C  CG  . PRO A 1 50  ? 13.483  -6.378  -15.555 1.00 89.60  ? 50  PRO A CG  1 
ATOM   176 C  CD  . PRO A 1 50  ? 13.438  -5.370  -16.672 1.00 89.15  ? 50  PRO A CD  1 
ATOM   177 N  N   . ALA A 1 51  ? 15.313  -2.339  -15.084 1.00 86.97  ? 51  ALA A N   1 
ATOM   178 C  CA  . ALA A 1 51  ? 16.357  -1.356  -14.819 1.00 86.07  ? 51  ALA A CA  1 
ATOM   179 C  C   . ALA A 1 51  ? 15.809  -0.103  -14.143 1.00 85.33  ? 51  ALA A C   1 
ATOM   180 O  O   . ALA A 1 51  ? 16.565  0.693   -13.590 1.00 85.29  ? 51  ALA A O   1 
ATOM   181 C  CB  . ALA A 1 51  ? 17.049  -0.989  -16.119 1.00 85.75  ? 51  ALA A CB  1 
ATOM   182 N  N   . HIS A 1 52  ? 14.493  0.068   -14.191 1.00 84.11  ? 52  HIS A N   1 
ATOM   183 C  CA  . HIS A 1 52  ? 13.868  1.234   -13.583 1.00 82.94  ? 52  HIS A CA  1 
ATOM   184 C  C   . HIS A 1 52  ? 13.626  1.022   -12.093 1.00 80.52  ? 52  HIS A C   1 
ATOM   185 O  O   . HIS A 1 52  ? 13.053  1.880   -11.419 1.00 80.03  ? 52  HIS A O   1 
ATOM   186 C  CB  . HIS A 1 52  ? 12.547  1.551   -14.290 1.00 85.29  ? 52  HIS A CB  1 
ATOM   187 C  CG  . HIS A 1 52  ? 12.714  1.950   -15.724 1.00 87.28  ? 52  HIS A CG  1 
ATOM   188 N  ND1 . HIS A 1 52  ? 13.241  1.104   -16.675 1.00 88.25  ? 52  HIS A ND1 1 
ATOM   189 C  CD2 . HIS A 1 52  ? 12.449  3.116   -16.363 1.00 88.08  ? 52  HIS A CD2 1 
ATOM   190 C  CE1 . HIS A 1 52  ? 13.297  1.731   -17.839 1.00 88.78  ? 52  HIS A CE1 1 
ATOM   191 N  NE2 . HIS A 1 52  ? 12.822  2.952   -17.675 1.00 88.87  ? 52  HIS A NE2 1 
ATOM   192 N  N   . SER A 1 53  ? 14.070  -0.122  -11.582 1.00 77.34  ? 53  SER A N   1 
ATOM   193 C  CA  . SER A 1 53  ? 13.896  -0.434  -10.172 1.00 74.56  ? 53  SER A CA  1 
ATOM   194 C  C   . SER A 1 53  ? 14.601  0.608   -9.324  1.00 72.52  ? 53  SER A C   1 
ATOM   195 O  O   . SER A 1 53  ? 13.997  1.234   -8.458  1.00 73.01  ? 53  SER A O   1 
ATOM   196 C  CB  . SER A 1 53  ? 14.470  -1.813  -9.852  1.00 74.60  ? 53  SER A CB  1 
ATOM   197 O  OG  . SER A 1 53  ? 15.883  -1.798  -9.933  1.00 75.33  ? 53  SER A OG  1 
ATOM   198 N  N   . LEU A 1 54  ? 15.887  0.793   -9.585  1.00 70.38  ? 54  LEU A N   1 
ATOM   199 C  CA  . LEU A 1 54  ? 16.684  1.753   -8.841  1.00 67.71  ? 54  LEU A CA  1 
ATOM   200 C  C   . LEU A 1 54  ? 16.038  3.130   -8.840  1.00 65.89  ? 54  LEU A C   1 
ATOM   201 O  O   . LEU A 1 54  ? 16.117  3.856   -7.853  1.00 64.97  ? 54  LEU A O   1 
ATOM   202 C  CB  . LEU A 1 54  ? 18.084  1.831   -9.437  1.00 68.72  ? 54  LEU A CB  1 
ATOM   203 C  CG  . LEU A 1 54  ? 19.117  2.568   -8.599  1.00 69.64  ? 54  LEU A CG  1 
ATOM   204 C  CD1 . LEU A 1 54  ? 19.161  2.000   -7.187  1.00 70.47  ? 54  LEU A CD1 1 
ATOM   205 C  CD2 . LEU A 1 54  ? 20.467  2.431   -9.269  1.00 70.17  ? 54  LEU A CD2 1 
ATOM   206 N  N   . GLU A 1 55  ? 15.407  3.487   -9.955  1.00 64.98  ? 55  GLU A N   1 
ATOM   207 C  CA  . GLU A 1 55  ? 14.728  4.772   -10.081 1.00 64.56  ? 55  GLU A CA  1 
ATOM   208 C  C   . GLU A 1 55  ? 13.604  4.834   -9.040  1.00 62.98  ? 55  GLU A C   1 
ATOM   209 O  O   . GLU A 1 55  ? 13.321  5.889   -8.477  1.00 62.51  ? 55  GLU A O   1 
ATOM   210 C  CB  . GLU A 1 55  ? 14.139  4.933   -11.501 1.00 67.50  ? 55  GLU A CB  1 
ATOM   211 C  CG  . GLU A 1 55  ? 15.157  4.984   -12.678 1.00 70.35  ? 55  GLU A CG  1 
ATOM   212 C  CD  . GLU A 1 55  ? 14.481  4.947   -14.068 1.00 71.48  ? 55  GLU A CD  1 
ATOM   213 O  OE1 . GLU A 1 55  ? 13.433  5.611   -14.246 1.00 71.80  ? 55  GLU A OE1 1 
ATOM   214 O  OE2 . GLU A 1 55  ? 14.995  4.269   -14.996 1.00 69.45  ? 55  GLU A OE2 1 
ATOM   215 N  N   . ILE A 1 56  ? 12.974  3.687   -8.783  1.00 61.97  ? 56  ILE A N   1 
ATOM   216 C  CA  . ILE A 1 56  ? 11.881  3.598   -7.817  1.00 60.42  ? 56  ILE A CA  1 
ATOM   217 C  C   . ILE A 1 56  ? 12.376  3.573   -6.376  1.00 58.52  ? 56  ILE A C   1 
ATOM   218 O  O   . ILE A 1 56  ? 11.789  4.206   -5.499  1.00 58.62  ? 56  ILE A O   1 
ATOM   219 C  CB  . ILE A 1 56  ? 11.008  2.336   -8.068  1.00 60.51  ? 56  ILE A CB  1 
ATOM   220 C  CG1 . ILE A 1 56  ? 10.373  2.424   -9.462  1.00 61.10  ? 56  ILE A CG1 1 
ATOM   221 C  CG2 . ILE A 1 56  ? 9.931   2.219   -6.991  1.00 60.26  ? 56  ILE A CG2 1 
ATOM   222 C  CD1 . ILE A 1 56  ? 9.569   1.204   -9.872  1.00 61.52  ? 56  ILE A CD1 1 
ATOM   223 N  N   . VAL A 1 57  ? 13.456  2.844   -6.123  1.00 58.15  ? 57  VAL A N   1 
ATOM   224 C  CA  . VAL A 1 57  ? 13.986  2.780   -4.767  1.00 57.09  ? 57  VAL A CA  1 
ATOM   225 C  C   . VAL A 1 57  ? 14.414  4.180   -4.327  1.00 55.62  ? 57  VAL A C   1 
ATOM   226 O  O   . VAL A 1 57  ? 14.267  4.545   -3.162  1.00 54.23  ? 57  VAL A O   1 
ATOM   227 C  CB  . VAL A 1 57  ? 15.181  1.804   -4.669  1.00 58.51  ? 57  VAL A CB  1 
ATOM   228 C  CG1 . VAL A 1 57  ? 16.292  2.227   -5.587  1.00 61.83  ? 57  VAL A CG1 1 
ATOM   229 C  CG2 . VAL A 1 57  ? 15.695  1.747   -3.239  1.00 60.65  ? 57  VAL A CG2 1 
ATOM   230 N  N   . VAL A 1 58  ? 14.907  4.976   -5.270  1.00 55.45  ? 58  VAL A N   1 
ATOM   231 C  CA  . VAL A 1 58  ? 15.348  6.330   -4.959  1.00 55.91  ? 58  VAL A CA  1 
ATOM   232 C  C   . VAL A 1 58  ? 14.179  7.213   -4.536  1.00 56.37  ? 58  VAL A C   1 
ATOM   233 O  O   . VAL A 1 58  ? 14.286  7.983   -3.585  1.00 56.25  ? 58  VAL A O   1 
ATOM   234 C  CB  . VAL A 1 58  ? 16.057  6.975   -6.173  1.00 56.63  ? 58  VAL A CB  1 
ATOM   235 C  CG1 . VAL A 1 58  ? 16.365  8.435   -5.869  1.00 57.13  ? 58  VAL A CG1 1 
ATOM   236 C  CG2 . VAL A 1 58  ? 17.342  6.219   -6.488  1.00 56.65  ? 58  VAL A CG2 1 
ATOM   237 N  N   . ALA A 1 59  ? 13.066  7.101   -5.255  1.00 55.86  ? 59  ALA A N   1 
ATOM   238 C  CA  . ALA A 1 59  ? 11.873  7.889   -4.967  1.00 56.34  ? 59  ALA A CA  1 
ATOM   239 C  C   . ALA A 1 59  ? 11.286  7.522   -3.608  1.00 56.36  ? 59  ALA A C   1 
ATOM   240 O  O   . ALA A 1 59  ? 10.884  8.392   -2.835  1.00 55.46  ? 59  ALA A O   1 
ATOM   241 C  CB  . ALA A 1 59  ? 10.832  7.677   -6.064  1.00 57.56  ? 59  ALA A CB  1 
ATOM   242 N  N   . ILE A 1 60  ? 11.234  6.227   -3.316  1.00 56.66  ? 60  ILE A N   1 
ATOM   243 C  CA  . ILE A 1 60  ? 10.705  5.788   -2.036  1.00 56.98  ? 60  ILE A CA  1 
ATOM   244 C  C   . ILE A 1 60  ? 11.536  6.409   -0.926  1.00 57.63  ? 60  ILE A C   1 
ATOM   245 O  O   . ILE A 1 60  ? 11.012  7.110   -0.067  1.00 58.28  ? 60  ILE A O   1 
ATOM   246 C  CB  . ILE A 1 60  ? 10.760  4.256   -1.888  1.00 56.48  ? 60  ILE A CB  1 
ATOM   247 C  CG1 . ILE A 1 60  ? 9.868   3.600   -2.947  1.00 56.52  ? 60  ILE A CG1 1 
ATOM   248 C  CG2 . ILE A 1 60  ? 10.328  3.861   -0.482  1.00 55.29  ? 60  ILE A CG2 1 
ATOM   249 C  CD1 . ILE A 1 60  ? 9.875   2.086   -2.907  1.00 53.81  ? 60  ILE A CD1 1 
ATOM   250 N  N   . CYS A 1 61  ? 12.840  6.161   -0.960  1.00 59.41  ? 61  CYS A N   1 
ATOM   251 C  CA  . CYS A 1 61  ? 13.748  6.687   0.053   1.00 61.64  ? 61  CYS A CA  1 
ATOM   252 C  C   . CYS A 1 61  ? 13.781  8.211   0.123   1.00 62.94  ? 61  CYS A C   1 
ATOM   253 O  O   . CYS A 1 61  ? 13.887  8.792   1.205   1.00 63.75  ? 61  CYS A O   1 
ATOM   254 C  CB  . CYS A 1 61  ? 15.158  6.153   -0.188  1.00 60.61  ? 61  CYS A CB  1 
ATOM   255 S  SG  . CYS A 1 61  ? 15.285  4.383   0.051   1.00 63.30  ? 61  CYS A SG  1 
ATOM   256 N  N   . LYS A 1 62  ? 13.683  8.860   -1.028  1.00 63.46  ? 62  LYS A N   1 
ATOM   257 C  CA  . LYS A 1 62  ? 13.717  10.315  -1.067  1.00 65.95  ? 62  LYS A CA  1 
ATOM   258 C  C   . LYS A 1 62  ? 12.498  10.961  -0.385  1.00 67.31  ? 62  LYS A C   1 
ATOM   259 O  O   . LYS A 1 62  ? 12.643  11.901  0.398   1.00 68.18  ? 62  LYS A O   1 
ATOM   260 C  CB  . LYS A 1 62  ? 13.822  10.783  -2.525  1.00 66.18  ? 62  LYS A CB  1 
ATOM   261 C  CG  . LYS A 1 62  ? 14.860  11.880  -2.773  1.00 66.62  ? 62  LYS A CG  1 
ATOM   262 C  CD  . LYS A 1 62  ? 16.273  11.448  -2.390  1.00 65.24  ? 62  LYS A CD  1 
ATOM   263 C  CE  . LYS A 1 62  ? 17.260  12.602  -2.536  1.00 65.70  ? 62  LYS A CE  1 
ATOM   264 N  NZ  . LYS A 1 62  ? 18.645  12.263  -2.097  1.00 63.61  ? 62  LYS A NZ  1 
ATOM   265 N  N   . HIS A 1 63  ? 11.298  10.456  -0.663  1.00 67.96  ? 63  HIS A N   1 
ATOM   266 C  CA  . HIS A 1 63  ? 10.088  11.033  -0.074  1.00 68.13  ? 63  HIS A CA  1 
ATOM   267 C  C   . HIS A 1 63  ? 9.666   10.453  1.263   1.00 68.73  ? 63  HIS A C   1 
ATOM   268 O  O   . HIS A 1 63  ? 8.935   11.082  2.023   1.00 68.64  ? 63  HIS A O   1 
ATOM   269 C  CB  . HIS A 1 63  ? 8.924   10.913  -1.051  1.00 66.08  ? 63  HIS A CB  1 
ATOM   270 C  CG  . HIS A 1 63  ? 8.827   12.052  -2.004  1.00 66.29  ? 63  HIS A CG  1 
ATOM   271 N  ND1 . HIS A 1 63  ? 8.617   13.358  -1.590  1.00 62.63  ? 63  HIS A ND1 1 
ATOM   272 C  CD2 . HIS A 1 63  ? 8.936   12.116  -3.355  1.00 64.23  ? 63  HIS A CD2 1 
ATOM   273 C  CE1 . HIS A 1 63  ? 8.602   14.157  -2.632  1.00 62.76  ? 63  HIS A CE1 1 
ATOM   274 N  NE2 . HIS A 1 63  ? 8.794   13.423  -3.721  1.00 64.29  ? 63  HIS A NE2 1 
ATOM   275 N  N   . LEU A 1 64  ? 10.138  9.251   1.547   1.00 70.72  ? 64  LEU A N   1 
ATOM   276 C  CA  . LEU A 1 64  ? 9.792   8.557   2.772   1.00 73.84  ? 64  LEU A CA  1 
ATOM   277 C  C   . LEU A 1 64  ? 10.884  8.624   3.827   1.00 75.20  ? 64  LEU A C   1 
ATOM   278 O  O   . LEU A 1 64  ? 10.602  8.584   5.026   1.00 75.91  ? 64  LEU A O   1 
ATOM   279 C  CB  . LEU A 1 64  ? 9.487   7.104   2.422   1.00 74.64  ? 64  LEU A CB  1 
ATOM   280 C  CG  . LEU A 1 64  ? 8.076   6.664   2.772   1.00 76.08  ? 64  LEU A CG  1 
ATOM   281 C  CD1 . LEU A 1 64  ? 7.452   5.872   1.631   1.00 75.07  ? 64  LEU A CD1 1 
ATOM   282 C  CD2 . LEU A 1 64  ? 8.152   5.849   4.052   1.00 77.33  ? 64  LEU A CD2 1 
ATOM   283 N  N   . GLY A 1 65  ? 12.125  8.732   3.363   1.00 76.05  ? 65  GLY A N   1 
ATOM   284 C  CA  . GLY A 1 65  ? 13.265  8.784   4.256   1.00 77.26  ? 65  GLY A CA  1 
ATOM   285 C  C   . GLY A 1 65  ? 13.329  9.939   5.231   1.00 78.29  ? 65  GLY A C   1 
ATOM   286 O  O   . GLY A 1 65  ? 12.436  10.783  5.298   1.00 77.72  ? 65  GLY A O   1 
ATOM   287 N  N   . GLY A 1 66  ? 14.419  9.966   5.986   1.00 79.97  ? 66  GLY A N   1 
ATOM   288 C  CA  . GLY A 1 66  ? 14.615  10.999  6.980   1.00 82.49  ? 66  GLY A CA  1 
ATOM   289 C  C   . GLY A 1 66  ? 14.891  10.316  8.305   1.00 84.15  ? 66  GLY A C   1 
ATOM   290 O  O   . GLY A 1 66  ? 15.942  10.520  8.911   1.00 85.03  ? 66  GLY A O   1 
ATOM   291 N  N   . GLY A 1 67  ? 13.953  9.481   8.739   1.00 85.33  ? 67  GLY A N   1 
ATOM   292 C  CA  . GLY A 1 67  ? 14.107  8.767   9.994   1.00 86.11  ? 67  GLY A CA  1 
ATOM   293 C  C   . GLY A 1 67  ? 13.771  7.295   9.843   1.00 86.73  ? 67  GLY A C   1 
ATOM   294 O  O   . GLY A 1 67  ? 14.072  6.687   8.820   1.00 87.14  ? 67  GLY A O   1 
ATOM   295 N  N   . GLN A 1 68  ? 13.145  6.713   10.858  1.00 87.14  ? 68  GLN A N   1 
ATOM   296 C  CA  . GLN A 1 68  ? 12.790  5.303   10.797  1.00 87.56  ? 68  GLN A CA  1 
ATOM   297 C  C   . GLN A 1 68  ? 11.290  5.077   10.906  1.00 86.82  ? 68  GLN A C   1 
ATOM   298 O  O   . GLN A 1 68  ? 10.580  5.852   11.544  1.00 86.84  ? 68  GLN A O   1 
ATOM   299 C  CB  . GLN A 1 68  ? 13.509  4.539   11.897  1.00 88.92  ? 68  GLN A CB  1 
ATOM   300 C  CG  . GLN A 1 68  ? 13.295  5.098   13.280  1.00 90.74  ? 68  GLN A CG  1 
ATOM   301 C  CD  . GLN A 1 68  ? 14.101  4.352   14.313  1.00 92.50  ? 68  GLN A CD  1 
ATOM   302 O  OE1 . GLN A 1 68  ? 14.081  4.687   15.496  1.00 93.87  ? 68  GLN A OE1 1 
ATOM   303 N  NE2 . GLN A 1 68  ? 14.821  3.327   13.870  1.00 92.19  ? 68  GLN A NE2 1 
ATOM   304 N  N   . VAL A 1 69  ? 10.811  4.010   10.279  1.00 86.04  ? 69  VAL A N   1 
ATOM   305 C  CA  . VAL A 1 69  ? 9.386   3.707   10.310  1.00 84.98  ? 69  VAL A CA  1 
ATOM   306 C  C   . VAL A 1 69  ? 9.183   2.253   10.712  1.00 84.15  ? 69  VAL A C   1 
ATOM   307 O  O   . VAL A 1 69  ? 10.008  1.396   10.395  1.00 83.22  ? 69  VAL A O   1 
ATOM   308 C  CB  . VAL A 1 69  ? 8.739   3.929   8.920   1.00 85.39  ? 69  VAL A CB  1 
ATOM   309 C  CG1 . VAL A 1 69  ? 9.661   4.771   8.040   1.00 85.33  ? 69  VAL A CG1 1 
ATOM   310 C  CG2 . VAL A 1 69  ? 8.445   2.601   8.248   1.00 85.76  ? 69  VAL A CG2 1 
ATOM   311 N  N   . TYR A 1 70  ? 8.095   1.972   11.417  1.00 83.28  ? 70  TYR A N   1 
ATOM   312 C  CA  . TYR A 1 70  ? 7.818   0.604   11.815  1.00 82.96  ? 70  TYR A CA  1 
ATOM   313 C  C   . TYR A 1 70  ? 6.874   -0.035  10.802  1.00 81.67  ? 70  TYR A C   1 
ATOM   314 O  O   . TYR A 1 70  ? 5.709   0.342   10.694  1.00 81.39  ? 70  TYR A O   1 
ATOM   315 C  CB  . TYR A 1 70  ? 7.190   0.550   13.209  1.00 84.21  ? 70  TYR A CB  1 
ATOM   316 C  CG  . TYR A 1 70  ? 6.732   -0.841  13.584  1.00 86.17  ? 70  TYR A CG  1 
ATOM   317 C  CD1 . TYR A 1 70  ? 7.650   -1.843  13.911  1.00 86.90  ? 70  TYR A CD1 1 
ATOM   318 C  CD2 . TYR A 1 70  ? 5.378   -1.173  13.552  1.00 87.39  ? 70  TYR A CD2 1 
ATOM   319 C  CE1 . TYR A 1 70  ? 7.226   -3.146  14.188  1.00 87.87  ? 70  TYR A CE1 1 
ATOM   320 C  CE2 . TYR A 1 70  ? 4.945   -2.468  13.825  1.00 87.69  ? 70  TYR A CE2 1 
ATOM   321 C  CZ  . TYR A 1 70  ? 5.871   -3.448  14.140  1.00 88.16  ? 70  TYR A CZ  1 
ATOM   322 O  OH  . TYR A 1 70  ? 5.440   -4.732  14.382  1.00 89.41  ? 70  TYR A OH  1 
ATOM   323 N  N   . ILE A 1 71  ? 7.385   -1.006  10.058  1.00 80.11  ? 71  ILE A N   1 
ATOM   324 C  CA  . ILE A 1 71  ? 6.580   -1.688  9.055   1.00 78.73  ? 71  ILE A CA  1 
ATOM   325 C  C   . ILE A 1 71  ? 5.873   -2.898  9.652   1.00 77.79  ? 71  ILE A C   1 
ATOM   326 O  O   . ILE A 1 71  ? 6.510   -3.875  10.033  1.00 76.99  ? 71  ILE A O   1 
ATOM   327 C  CB  . ILE A 1 71  ? 7.448   -2.137  7.882   1.00 78.40  ? 71  ILE A CB  1 
ATOM   328 C  CG1 . ILE A 1 71  ? 8.206   -0.929  7.323   1.00 77.94  ? 71  ILE A CG1 1 
ATOM   329 C  CG2 . ILE A 1 71  ? 6.578   -2.797  6.822   1.00 78.73  ? 71  ILE A CG2 1 
ATOM   330 C  CD1 . ILE A 1 71  ? 9.243   -1.265  6.276   1.00 77.58  ? 71  ILE A CD1 1 
ATOM   331 N  N   . PRO A 1 72  ? 4.533   -2.840  9.737   1.00 77.31  ? 72  PRO A N   1 
ATOM   332 C  CA  . PRO A 1 72  ? 3.689   -3.908  10.285  1.00 76.94  ? 72  PRO A CA  1 
ATOM   333 C  C   . PRO A 1 72  ? 3.967   -5.270  9.655   1.00 76.12  ? 72  PRO A C   1 
ATOM   334 O  O   . PRO A 1 72  ? 4.438   -5.353  8.521   1.00 75.13  ? 72  PRO A O   1 
ATOM   335 C  CB  . PRO A 1 72  ? 2.278   -3.412  9.986   1.00 76.77  ? 72  PRO A CB  1 
ATOM   336 C  CG  . PRO A 1 72  ? 2.428   -1.940  10.094  1.00 77.99  ? 72  PRO A CG  1 
ATOM   337 C  CD  . PRO A 1 72  ? 3.708   -1.689  9.334   1.00 77.37  ? 72  PRO A CD  1 
ATOM   338 N  N   . ARG A 1 73  ? 3.660   -6.336  10.387  1.00 75.88  ? 73  ARG A N   1 
ATOM   339 C  CA  . ARG A 1 73  ? 3.906   -7.684  9.887   1.00 75.58  ? 73  ARG A CA  1 
ATOM   340 C  C   . ARG A 1 73  ? 2.669   -8.382  9.311   1.00 73.77  ? 73  ARG A C   1 
ATOM   341 O  O   . ARG A 1 73  ? 2.343   -8.212  8.135   1.00 74.03  ? 73  ARG A O   1 
ATOM   342 C  CB  . ARG A 1 73  ? 4.506   -8.561  10.994  1.00 77.23  ? 73  ARG A CB  1 
ATOM   343 C  CG  . ARG A 1 73  ? 5.220   -9.801  10.464  1.00 80.58  ? 73  ARG A CG  1 
ATOM   344 C  CD  . ARG A 1 73  ? 5.123   -10.974 11.431  1.00 83.76  ? 73  ARG A CD  1 
ATOM   345 N  NE  . ARG A 1 73  ? 3.778   -11.547 11.460  1.00 85.06  ? 73  ARG A NE  1 
ATOM   346 C  CZ  . ARG A 1 73  ? 3.423   -12.583 12.212  1.00 86.00  ? 73  ARG A CZ  1 
ATOM   347 N  NH1 . ARG A 1 73  ? 4.315   -13.168 13.003  1.00 87.30  ? 73  ARG A NH1 1 
ATOM   348 N  NH2 . ARG A 1 73  ? 2.178   -13.036 12.171  1.00 85.69  ? 73  ARG A NH2 1 
ATOM   349 N  N   . GLY A 1 74  ? 1.987   -9.159  10.151  1.00 70.90  ? 74  GLY A N   1 
ATOM   350 C  CA  . GLY A 1 74  ? 0.823   -9.914  9.715   1.00 66.93  ? 74  GLY A CA  1 
ATOM   351 C  C   . GLY A 1 74  ? -0.548  -9.260  9.652   1.00 63.83  ? 74  GLY A C   1 
ATOM   352 O  O   . GLY A 1 74  ? -0.846  -8.498  8.735   1.00 63.17  ? 74  GLY A O   1 
ATOM   353 N  N   . GLN A 1 75  ? -1.387  -9.573  10.633  1.00 61.87  ? 75  GLN A N   1 
ATOM   354 C  CA  . GLN A 1 75  ? -2.753  -9.062  10.688  1.00 60.90  ? 75  GLN A CA  1 
ATOM   355 C  C   . GLN A 1 75  ? -2.915  -7.544  10.580  1.00 58.61  ? 75  GLN A C   1 
ATOM   356 O  O   . GLN A 1 75  ? -3.796  -7.062  9.867   1.00 57.78  ? 75  GLN A O   1 
ATOM   357 C  CB  . GLN A 1 75  ? -3.439  -9.565  11.960  1.00 62.21  ? 75  GLN A CB  1 
ATOM   358 C  CG  . GLN A 1 75  ? -4.949  -9.372  11.960  1.00 67.24  ? 75  GLN A CG  1 
ATOM   359 C  CD  . GLN A 1 75  ? -5.645  -10.205 13.024  1.00 70.69  ? 75  GLN A CD  1 
ATOM   360 O  OE1 . GLN A 1 75  ? -5.412  -10.027 14.222  1.00 72.30  ? 75  GLN A OE1 1 
ATOM   361 N  NE2 . GLN A 1 75  ? -6.504  -11.125 12.588  1.00 72.32  ? 75  GLN A NE2 1 
ATOM   362 N  N   . ALA A 1 76  ? -2.081  -6.791  11.290  1.00 55.87  ? 76  ALA A N   1 
ATOM   363 C  CA  . ALA A 1 76  ? -2.171  -5.333  11.242  1.00 54.08  ? 76  ALA A CA  1 
ATOM   364 C  C   . ALA A 1 76  ? -1.986  -4.866  9.804   1.00 51.86  ? 76  ALA A C   1 
ATOM   365 O  O   . ALA A 1 76  ? -2.687  -3.971  9.325   1.00 52.02  ? 76  ALA A O   1 
ATOM   366 C  CB  . ALA A 1 76  ? -1.107  -4.714  12.137  1.00 56.08  ? 76  ALA A CB  1 
ATOM   367 N  N   . LEU A 1 77  ? -1.033  -5.484  9.123   1.00 48.04  ? 77  LEU A N   1 
ATOM   368 C  CA  . LEU A 1 77  ? -0.756  -5.152  7.737   1.00 46.65  ? 77  LEU A CA  1 
ATOM   369 C  C   . LEU A 1 77  ? -1.944  -5.540  6.872   1.00 44.83  ? 77  LEU A C   1 
ATOM   370 O  O   . LEU A 1 77  ? -2.433  -4.738  6.081   1.00 44.34  ? 77  LEU A O   1 
ATOM   371 C  CB  . LEU A 1 77  ? 0.482   -5.900  7.257   1.00 46.10  ? 77  LEU A CB  1 
ATOM   372 C  CG  . LEU A 1 77  ? 0.752   -5.840  5.759   1.00 48.44  ? 77  LEU A CG  1 
ATOM   373 C  CD1 . LEU A 1 77  ? 1.098   -4.406  5.343   1.00 48.82  ? 77  LEU A CD1 1 
ATOM   374 C  CD2 . LEU A 1 77  ? 1.891   -6.800  5.426   1.00 48.42  ? 77  LEU A CD2 1 
ATOM   375 N  N   . ASP A 1 78  ? -2.409  -6.776  7.037   1.00 44.34  ? 78  ASP A N   1 
ATOM   376 C  CA  . ASP A 1 78  ? -3.531  -7.281  6.251   1.00 43.92  ? 78  ASP A CA  1 
ATOM   377 C  C   . ASP A 1 78  ? -4.827  -6.467  6.415   1.00 42.85  ? 78  ASP A C   1 
ATOM   378 O  O   . ASP A 1 78  ? -5.572  -6.300  5.449   1.00 42.45  ? 78  ASP A O   1 
ATOM   379 C  CB  . ASP A 1 78  ? -3.778  -8.758  6.573   1.00 44.36  ? 78  ASP A CB  1 
ATOM   380 C  CG  . ASP A 1 78  ? -2.518  -9.623  6.379   1.00 51.08  ? 78  ASP A CG  1 
ATOM   381 O  OD1 . ASP A 1 78  ? -1.818  -9.463  5.350   1.00 49.89  ? 78  ASP A OD1 1 
ATOM   382 O  OD2 . ASP A 1 78  ? -2.229  -10.473 7.253   1.00 50.95  ? 78  ASP A OD2 1 
ATOM   383 N  N   . SER A 1 79  ? -5.096  -5.959  7.618   1.00 40.96  ? 79  SER A N   1 
ATOM   384 C  CA  . SER A 1 79  ? -6.298  -5.144  7.853   1.00 42.45  ? 79  SER A CA  1 
ATOM   385 C  C   . SER A 1 79  ? -6.191  -3.813  7.122   1.00 41.49  ? 79  SER A C   1 
ATOM   386 O  O   . SER A 1 79  ? -7.184  -3.273  6.620   1.00 40.04  ? 79  SER A O   1 
ATOM   387 C  CB  . SER A 1 79  ? -6.484  -4.839  9.340   1.00 44.43  ? 79  SER A CB  1 
ATOM   388 O  OG  . SER A 1 79  ? -6.880  -5.993  10.056  1.00 51.16  ? 79  SER A OG  1 
ATOM   389 N  N   . LEU A 1 80  ? -4.976  -3.282  7.092   1.00 40.91  ? 80  LEU A N   1 
ATOM   390 C  CA  . LEU A 1 80  ? -4.694  -2.010  6.436   1.00 42.85  ? 80  LEU A CA  1 
ATOM   391 C  C   . LEU A 1 80  ? -4.800  -2.133  4.919   1.00 40.45  ? 80  LEU A C   1 
ATOM   392 O  O   . LEU A 1 80  ? -5.355  -1.259  4.264   1.00 41.89  ? 80  LEU A O   1 
ATOM   393 C  CB  . LEU A 1 80  ? -3.289  -1.520  6.834   1.00 44.60  ? 80  LEU A CB  1 
ATOM   394 C  CG  . LEU A 1 80  ? -2.812  -0.158  6.321   1.00 46.66  ? 80  LEU A CG  1 
ATOM   395 C  CD1 . LEU A 1 80  ? -2.426  -0.255  4.835   1.00 50.27  ? 80  LEU A CD1 1 
ATOM   396 C  CD2 . LEU A 1 80  ? -3.902  0.868   6.530   1.00 47.35  ? 80  LEU A CD2 1 
ATOM   397 N  N   . ILE A 1 81  ? -4.254  -3.210  4.362   1.00 39.38  ? 81  ILE A N   1 
ATOM   398 C  CA  . ILE A 1 81  ? -4.325  -3.415  2.919   1.00 39.87  ? 81  ILE A CA  1 
ATOM   399 C  C   . ILE A 1 81  ? -5.805  -3.448  2.505   1.00 40.26  ? 81  ILE A C   1 
ATOM   400 O  O   . ILE A 1 81  ? -6.189  -2.842  1.511   1.00 41.33  ? 81  ILE A O   1 
ATOM   401 C  CB  . ILE A 1 81  ? -3.621  -4.740  2.491   1.00 39.80  ? 81  ILE A CB  1 
ATOM   402 C  CG1 . ILE A 1 81  ? -2.103  -4.615  2.681   1.00 41.61  ? 81  ILE A CG1 1 
ATOM   403 C  CG2 . ILE A 1 81  ? -3.928  -5.060  1.040   1.00 38.06  ? 81  ILE A CG2 1 
ATOM   404 C  CD1 . ILE A 1 81  ? -1.482  -3.443  1.926   1.00 41.50  ? 81  ILE A CD1 1 
ATOM   405 N  N   . ARG A 1 82  ? -6.629  -4.157  3.274   1.00 40.55  ? 82  ARG A N   1 
ATOM   406 C  CA  . ARG A 1 82  ? -8.072  -4.242  3.002   1.00 39.44  ? 82  ARG A CA  1 
ATOM   407 C  C   . ARG A 1 82  ? -8.708  -2.847  2.991   1.00 38.72  ? 82  ARG A C   1 
ATOM   408 O  O   . ARG A 1 82  ? -9.377  -2.462  2.032   1.00 38.14  ? 82  ARG A O   1 
ATOM   409 C  CB  . ARG A 1 82  ? -8.769  -5.092  4.078   1.00 39.14  ? 82  ARG A CB  1 
ATOM   410 C  CG  . ARG A 1 82  ? -10.308 -5.020  4.056   1.00 40.14  ? 82  ARG A CG  1 
ATOM   411 C  CD  . ARG A 1 82  ? -10.916 -5.531  5.356   1.00 39.55  ? 82  ARG A CD  1 
ATOM   412 N  NE  . ARG A 1 82  ? -10.589 -4.653  6.474   1.00 43.16  ? 82  ARG A NE  1 
ATOM   413 C  CZ  . ARG A 1 82  ? -10.428 -5.062  7.728   1.00 42.87  ? 82  ARG A CZ  1 
ATOM   414 N  NH1 . ARG A 1 82  ? -10.565 -6.343  8.030   1.00 44.36  ? 82  ARG A NH1 1 
ATOM   415 N  NH2 . ARG A 1 82  ? -10.117 -4.195  8.678   1.00 41.59  ? 82  ARG A NH2 1 
ATOM   416 N  N   . ASP A 1 83  ? -8.503  -2.089  4.064   1.00 39.57  ? 83  ASP A N   1 
ATOM   417 C  CA  . ASP A 1 83  ? -9.085  -0.748  4.162   1.00 39.91  ? 83  ASP A CA  1 
ATOM   418 C  C   . ASP A 1 83  ? -8.560  0.229   3.121   1.00 40.78  ? 83  ASP A C   1 
ATOM   419 O  O   . ASP A 1 83  ? -9.285  1.110   2.663   1.00 39.37  ? 83  ASP A O   1 
ATOM   420 C  CB  . ASP A 1 83  ? -8.845  -0.155  5.549   1.00 41.12  ? 83  ASP A CB  1 
ATOM   421 C  CG  . ASP A 1 83  ? -9.426  -1.006  6.658   1.00 43.78  ? 83  ASP A CG  1 
ATOM   422 O  OD1 . ASP A 1 83  ? -10.404 -1.756  6.410   1.00 43.31  ? 83  ASP A OD1 1 
ATOM   423 O  OD2 . ASP A 1 83  ? -8.913  -0.905  7.791   1.00 46.21  ? 83  ASP A OD2 1 
ATOM   424 N  N   . LEU A 1 84  ? -7.287  0.089   2.765   1.00 42.88  ? 84  LEU A N   1 
ATOM   425 C  CA  . LEU A 1 84  ? -6.690  0.964   1.772   1.00 43.87  ? 84  LEU A CA  1 
ATOM   426 C  C   . LEU A 1 84  ? -7.380  0.692   0.439   1.00 44.44  ? 84  LEU A C   1 
ATOM   427 O  O   . LEU A 1 84  ? -7.752  1.614   -0.291  1.00 43.61  ? 84  LEU A O   1 
ATOM   428 C  CB  . LEU A 1 84  ? -5.194  0.668   1.651   1.00 47.96  ? 84  LEU A CB  1 
ATOM   429 C  CG  . LEU A 1 84  ? -4.202  1.834   1.579   1.00 50.66  ? 84  LEU A CG  1 
ATOM   430 C  CD1 . LEU A 1 84  ? -2.805  1.274   1.322   1.00 51.05  ? 84  LEU A CD1 1 
ATOM   431 C  CD2 . LEU A 1 84  ? -4.595  2.798   0.474   1.00 51.75  ? 84  LEU A CD2 1 
ATOM   432 N  N   . ARG A 1 85  ? -7.550  -0.586  0.123   1.00 43.30  ? 85  ARG A N   1 
ATOM   433 C  CA  . ARG A 1 85  ? -8.199  -0.958  -1.126  1.00 44.77  ? 85  ARG A CA  1 
ATOM   434 C  C   . ARG A 1 85  ? -9.620  -0.401  -1.137  1.00 46.21  ? 85  ARG A C   1 
ATOM   435 O  O   . ARG A 1 85  ? -10.075 0.171   -2.138  1.00 46.05  ? 85  ARG A O   1 
ATOM   436 C  CB  . ARG A 1 85  ? -8.216  -2.484  -1.281  1.00 45.99  ? 85  ARG A CB  1 
ATOM   437 C  CG  . ARG A 1 85  ? -8.407  -2.947  -2.720  1.00 48.67  ? 85  ARG A CG  1 
ATOM   438 C  CD  . ARG A 1 85  ? -8.478  -4.466  -2.838  1.00 46.81  ? 85  ARG A CD  1 
ATOM   439 N  NE  . ARG A 1 85  ? -7.183  -5.129  -2.999  1.00 46.58  ? 85  ARG A NE  1 
ATOM   440 C  CZ  . ARG A 1 85  ? -6.451  -5.097  -4.112  1.00 47.33  ? 85  ARG A CZ  1 
ATOM   441 N  NH1 . ARG A 1 85  ? -6.875  -4.421  -5.172  1.00 44.68  ? 85  ARG A NH1 1 
ATOM   442 N  NH2 . ARG A 1 85  ? -5.314  -5.781  -4.178  1.00 46.53  ? 85  ARG A NH2 1 
ATOM   443 N  N   . ILE A 1 86  ? -10.322 -0.542  -0.015  1.00 44.70  ? 86  ILE A N   1 
ATOM   444 C  CA  . ILE A 1 86  ? -11.688 -0.041  0.060   1.00 44.32  ? 86  ILE A CA  1 
ATOM   445 C  C   . ILE A 1 86  ? -11.772 1.479   -0.008  1.00 45.48  ? 86  ILE A C   1 
ATOM   446 O  O   . ILE A 1 86  ? -12.474 2.017   -0.864  1.00 44.55  ? 86  ILE A O   1 
ATOM   447 C  CB  . ILE A 1 86  ? -12.405 -0.482  1.355   1.00 44.19  ? 86  ILE A CB  1 
ATOM   448 C  CG1 . ILE A 1 86  ? -12.601 -1.996  1.360   1.00 42.45  ? 86  ILE A CG1 1 
ATOM   449 C  CG2 . ILE A 1 86  ? -13.760 0.238   1.474   1.00 40.00  ? 86  ILE A CG2 1 
ATOM   450 C  CD1 . ILE A 1 86  ? -13.232 -2.496  2.638   1.00 43.77  ? 86  ILE A CD1 1 
ATOM   451 N  N   . TRP A 1 87  ? -11.058 2.177   0.873   1.00 45.81  ? 87  TRP A N   1 
ATOM   452 C  CA  . TRP A 1 87  ? -11.160 3.626   0.857   1.00 48.49  ? 87  TRP A CA  1 
ATOM   453 C  C   . TRP A 1 87  ? -10.647 4.303   -0.415  1.00 50.11  ? 87  TRP A C   1 
ATOM   454 O  O   . TRP A 1 87  ? -10.982 5.460   -0.669  1.00 48.95  ? 87  TRP A O   1 
ATOM   455 C  CB  . TRP A 1 87  ? -10.560 4.251   2.143   1.00 50.11  ? 87  TRP A CB  1 
ATOM   456 C  CG  . TRP A 1 87  ? -9.060  4.502   2.229   1.00 51.66  ? 87  TRP A CG  1 
ATOM   457 C  CD1 . TRP A 1 87  ? -8.271  5.162   1.316   1.00 54.28  ? 87  TRP A CD1 1 
ATOM   458 C  CD2 . TRP A 1 87  ? -8.200  4.186   3.339   1.00 52.28  ? 87  TRP A CD2 1 
ATOM   459 N  NE1 . TRP A 1 87  ? -6.978  5.270   1.792   1.00 54.09  ? 87  TRP A NE1 1 
ATOM   460 C  CE2 . TRP A 1 87  ? -6.906  4.675   3.028   1.00 53.17  ? 87  TRP A CE2 1 
ATOM   461 C  CE3 . TRP A 1 87  ? -8.395  3.527   4.563   1.00 51.19  ? 87  TRP A CE3 1 
ATOM   462 C  CZ2 . TRP A 1 87  ? -5.817  4.536   3.899   1.00 53.85  ? 87  TRP A CZ2 1 
ATOM   463 C  CZ3 . TRP A 1 87  ? -7.313  3.386   5.432   1.00 53.20  ? 87  TRP A CZ3 1 
ATOM   464 C  CH2 . TRP A 1 87  ? -6.037  3.885   5.092   1.00 54.39  ? 87  TRP A CH2 1 
ATOM   465 N  N   . ASN A 1 88  ? -9.869  3.587   -1.227  1.00 49.58  ? 88  ASN A N   1 
ATOM   466 C  CA  . ASN A 1 88  ? -9.383  4.157   -2.484  1.00 51.38  ? 88  ASN A CA  1 
ATOM   467 C  C   . ASN A 1 88  ? -10.454 4.090   -3.569  1.00 50.67  ? 88  ASN A C   1 
ATOM   468 O  O   . ASN A 1 88  ? -10.368 4.778   -4.584  1.00 49.61  ? 88  ASN A O   1 
ATOM   469 C  CB  . ASN A 1 88  ? -8.124  3.442   -2.979  1.00 52.03  ? 88  ASN A CB  1 
ATOM   470 C  CG  . ASN A 1 88  ? -6.864  4.088   -2.466  1.00 53.75  ? 88  ASN A CG  1 
ATOM   471 O  OD1 . ASN A 1 88  ? -6.818  5.304   -2.278  1.00 57.71  ? 88  ASN A OD1 1 
ATOM   472 N  ND2 . ASN A 1 88  ? -5.828  3.293   -2.246  1.00 55.53  ? 88  ASN A ND2 1 
ATOM   473 N  N   . ASP A 1 89  ? -11.460 3.249   -3.346  1.00 49.35  ? 89  ASP A N   1 
ATOM   474 C  CA  . ASP A 1 89  ? -12.568 3.097   -4.279  1.00 48.49  ? 89  ASP A CA  1 
ATOM   475 C  C   . ASP A 1 89  ? -13.746 3.983   -3.866  1.00 47.77  ? 89  ASP A C   1 
ATOM   476 O  O   . ASP A 1 89  ? -14.708 4.140   -4.619  1.00 47.51  ? 89  ASP A O   1 
ATOM   477 C  CB  . ASP A 1 89  ? -13.029 1.646   -4.303  1.00 49.29  ? 89  ASP A CB  1 
ATOM   478 C  CG  . ASP A 1 89  ? -12.383 0.846   -5.400  1.00 51.15  ? 89  ASP A CG  1 
ATOM   479 O  OD1 . ASP A 1 89  ? -11.365 1.305   -5.965  1.00 51.10  ? 89  ASP A OD1 1 
ATOM   480 O  OD2 . ASP A 1 89  ? -12.893 -0.256  -5.692  1.00 53.26  ? 89  ASP A OD2 1 
ATOM   481 N  N   . PHE A 1 90  ? -13.674 4.547   -2.663  1.00 46.16  ? 90  PHE A N   1 
ATOM   482 C  CA  . PHE A 1 90  ? -14.745 5.394   -2.157  1.00 45.29  ? 90  PHE A CA  1 
ATOM   483 C  C   . PHE A 1 90  ? -14.719 6.731   -2.878  1.00 46.17  ? 90  PHE A C   1 
ATOM   484 O  O   . PHE A 1 90  ? -13.660 7.325   -3.043  1.00 47.59  ? 90  PHE A O   1 
ATOM   485 C  CB  . PHE A 1 90  ? -14.579 5.606   -0.646  1.00 42.77  ? 90  PHE A CB  1 
ATOM   486 C  CG  . PHE A 1 90  ? -15.676 6.428   -0.016  1.00 41.35  ? 90  PHE A CG  1 
ATOM   487 C  CD1 . PHE A 1 90  ? -17.012 6.126   -0.253  1.00 38.72  ? 90  PHE A CD1 1 
ATOM   488 C  CD2 . PHE A 1 90  ? -15.368 7.474   0.849   1.00 41.54  ? 90  PHE A CD2 1 
ATOM   489 C  CE1 . PHE A 1 90  ? -18.032 6.853   0.358   1.00 41.13  ? 90  PHE A CE1 1 
ATOM   490 C  CE2 . PHE A 1 90  ? -16.377 8.207   1.467   1.00 43.54  ? 90  PHE A CE2 1 
ATOM   491 C  CZ  . PHE A 1 90  ? -17.720 7.892   1.222   1.00 40.97  ? 90  PHE A CZ  1 
ATOM   492 N  N   . ASN A 1 91  ? -15.883 7.206   -3.303  1.00 46.34  ? 91  ASN A N   1 
ATOM   493 C  CA  . ASN A 1 91  ? -15.960 8.482   -4.003  1.00 49.36  ? 91  ASN A CA  1 
ATOM   494 C  C   . ASN A 1 91  ? -16.872 9.450   -3.268  1.00 49.51  ? 91  ASN A C   1 
ATOM   495 O  O   . ASN A 1 91  ? -17.192 10.512  -3.781  1.00 50.77  ? 91  ASN A O   1 
ATOM   496 C  CB  . ASN A 1 91  ? -16.495 8.277   -5.416  1.00 49.82  ? 91  ASN A CB  1 
ATOM   497 C  CG  . ASN A 1 91  ? -17.927 7.783   -5.425  1.00 52.60  ? 91  ASN A CG  1 
ATOM   498 O  OD1 . ASN A 1 91  ? -18.480 7.495   -6.481  1.00 55.09  ? 91  ASN A OD1 1 
ATOM   499 N  ND2 . ASN A 1 91  ? -18.536 7.686   -4.247  1.00 53.81  ? 91  ASN A ND2 1 
ATOM   500 N  N   . GLY A 1 92  ? -17.309 9.068   -2.076  1.00 50.11  ? 92  GLY A N   1 
ATOM   501 C  CA  . GLY A 1 92  ? -18.177 9.936   -1.315  1.00 48.62  ? 92  GLY A CA  1 
ATOM   502 C  C   . GLY A 1 92  ? -19.624 9.497   -1.270  1.00 49.09  ? 92  GLY A C   1 
ATOM   503 O  O   . GLY A 1 92  ? -20.374 9.961   -0.418  1.00 49.73  ? 92  GLY A O   1 
ATOM   504 N  N   . ARG A 1 93  ? -20.031 8.597   -2.160  1.00 49.23  ? 93  ARG A N   1 
ATOM   505 C  CA  . ARG A 1 93  ? -21.425 8.163   -2.173  1.00 48.87  ? 93  ARG A CA  1 
ATOM   506 C  C   . ARG A 1 93  ? -21.631 6.745   -2.690  1.00 46.18  ? 93  ARG A C   1 
ATOM   507 O  O   . ARG A 1 93  ? -22.746 6.367   -3.038  1.00 43.92  ? 93  ARG A O   1 
ATOM   508 C  CB  . ARG A 1 93  ? -22.233 9.109   -3.059  1.00 55.13  ? 93  ARG A CB  1 
ATOM   509 C  CG  . ARG A 1 93  ? -21.926 10.578  -2.830  1.00 64.22  ? 93  ARG A CG  1 
ATOM   510 C  CD  . ARG A 1 93  ? -21.786 11.326  -4.145  1.00 70.48  ? 93  ARG A CD  1 
ATOM   511 N  NE  . ARG A 1 93  ? -20.515 11.063  -4.820  1.00 76.30  ? 93  ARG A NE  1 
ATOM   512 C  CZ  . ARG A 1 93  ? -20.156 11.641  -5.965  1.00 78.21  ? 93  ARG A CZ  1 
ATOM   513 N  NH1 . ARG A 1 93  ? -20.974 12.504  -6.552  1.00 79.77  ? 93  ARG A NH1 1 
ATOM   514 N  NH2 . ARG A 1 93  ? -18.981 11.374  -6.519  1.00 78.77  ? 93  ARG A NH2 1 
ATOM   515 N  N   . ASN A 1 94  ? -20.576 5.945   -2.732  1.00 43.16  ? 94  ASN A N   1 
ATOM   516 C  CA  . ASN A 1 94  ? -20.725 4.602   -3.274  1.00 41.99  ? 94  ASN A CA  1 
ATOM   517 C  C   . ASN A 1 94  ? -20.523 3.453   -2.288  1.00 41.68  ? 94  ASN A C   1 
ATOM   518 O  O   . ASN A 1 94  ? -20.073 2.377   -2.675  1.00 40.05  ? 94  ASN A O   1 
ATOM   519 C  CB  . ASN A 1 94  ? -19.762 4.448   -4.451  1.00 40.57  ? 94  ASN A CB  1 
ATOM   520 C  CG  . ASN A 1 94  ? -18.316 4.666   -4.049  1.00 41.89  ? 94  ASN A CG  1 
ATOM   521 O  OD1 . ASN A 1 94  ? -18.028 5.272   -3.019  1.00 43.49  ? 94  ASN A OD1 1 
ATOM   522 N  ND2 . ASN A 1 94  ? -17.397 4.178   -4.862  1.00 43.13  ? 94  ASN A ND2 1 
ATOM   523 N  N   . VAL A 1 95  ? -20.859 3.666   -1.022  1.00 41.15  ? 95  VAL A N   1 
ATOM   524 C  CA  . VAL A 1 95  ? -20.668 2.614   -0.038  1.00 40.72  ? 95  VAL A CA  1 
ATOM   525 C  C   . VAL A 1 95  ? -21.406 1.334   -0.420  1.00 43.04  ? 95  VAL A C   1 
ATOM   526 O  O   . VAL A 1 95  ? -20.881 0.231   -0.227  1.00 40.55  ? 95  VAL A O   1 
ATOM   527 C  CB  . VAL A 1 95  ? -21.081 3.095   1.356   1.00 40.33  ? 95  VAL A CB  1 
ATOM   528 C  CG1 . VAL A 1 95  ? -21.255 1.912   2.300   1.00 38.60  ? 95  VAL A CG1 1 
ATOM   529 C  CG2 . VAL A 1 95  ? -20.005 4.043   1.892   1.00 38.90  ? 95  VAL A CG2 1 
ATOM   530 N  N   . SER A 1 96  ? -22.606 1.478   -0.978  1.00 43.55  ? 96  SER A N   1 
ATOM   531 C  CA  . SER A 1 96  ? -23.391 0.323   -1.407  1.00 46.80  ? 96  SER A CA  1 
ATOM   532 C  C   . SER A 1 96  ? -22.636 -0.474  -2.463  1.00 46.67  ? 96  SER A C   1 
ATOM   533 O  O   . SER A 1 96  ? -22.641 -1.706  -2.462  1.00 46.45  ? 96  SER A O   1 
ATOM   534 C  CB  . SER A 1 96  ? -24.732 0.774   -1.984  1.00 50.86  ? 96  SER A CB  1 
ATOM   535 O  OG  . SER A 1 96  ? -25.428 -0.329  -2.548  1.00 56.62  ? 96  SER A OG  1 
ATOM   536 N  N   . GLU A 1 97  ? -21.992 0.242   -3.376  1.00 46.71  ? 97  GLU A N   1 
ATOM   537 C  CA  . GLU A 1 97  ? -21.205 -0.387  -4.432  1.00 46.39  ? 97  GLU A CA  1 
ATOM   538 C  C   . GLU A 1 97  ? -19.984 -1.085  -3.815  1.00 44.79  ? 97  GLU A C   1 
ATOM   539 O  O   . GLU A 1 97  ? -19.609 -2.187  -4.226  1.00 46.08  ? 97  GLU A O   1 
ATOM   540 C  CB  . GLU A 1 97  ? -20.750 0.676   -5.444  1.00 47.91  ? 97  GLU A CB  1 
ATOM   541 C  CG  . GLU A 1 97  ? -19.679 0.219   -6.420  1.00 54.88  ? 97  GLU A CG  1 
ATOM   542 C  CD  . GLU A 1 97  ? -19.222 1.327   -7.377  1.00 60.93  ? 97  GLU A CD  1 
ATOM   543 O  OE1 . GLU A 1 97  ? -18.566 2.302   -6.931  1.00 60.53  ? 97  GLU A OE1 1 
ATOM   544 O  OE2 . GLU A 1 97  ? -19.527 1.220   -8.586  1.00 64.54  ? 97  GLU A OE2 1 
ATOM   545 N  N   . LEU A 1 98  ? -19.371 -0.452  -2.820  1.00 41.13  ? 98  LEU A N   1 
ATOM   546 C  CA  . LEU A 1 98  ? -18.196 -1.041  -2.185  1.00 41.00  ? 98  LEU A CA  1 
ATOM   547 C  C   . LEU A 1 98  ? -18.511 -2.335  -1.428  1.00 40.64  ? 98  LEU A C   1 
ATOM   548 O  O   . LEU A 1 98  ? -17.701 -3.268  -1.434  1.00 39.30  ? 98  LEU A O   1 
ATOM   549 C  CB  . LEU A 1 98  ? -17.536 -0.030  -1.244  1.00 41.95  ? 98  LEU A CB  1 
ATOM   550 C  CG  . LEU A 1 98  ? -17.112 1.296   -1.879  1.00 42.95  ? 98  LEU A CG  1 
ATOM   551 C  CD1 . LEU A 1 98  ? -16.530 2.196   -0.808  1.00 44.64  ? 98  LEU A CD1 1 
ATOM   552 C  CD2 . LEU A 1 98  ? -16.096 1.048   -2.985  1.00 42.64  ? 98  LEU A CD2 1 
ATOM   553 N  N   . THR A 1 99  ? -19.668 -2.412  -0.773  1.00 38.17  ? 99  THR A N   1 
ATOM   554 C  CA  . THR A 1 99  ? -19.989 -3.636  -0.051  1.00 41.02  ? 99  THR A CA  1 
ATOM   555 C  C   . THR A 1 99  ? -20.189 -4.782  -1.036  1.00 41.54  ? 99  THR A C   1 
ATOM   556 O  O   . THR A 1 99  ? -19.902 -5.939  -0.728  1.00 43.29  ? 99  THR A O   1 
ATOM   557 C  CB  . THR A 1 99  ? -21.266 -3.501  0.835   1.00 40.08  ? 99  THR A CB  1 
ATOM   558 O  OG1 . THR A 1 99  ? -22.410 -3.237  0.016   1.00 38.90  ? 99  THR A OG1 1 
ATOM   559 C  CG2 . THR A 1 99  ? -21.102 -2.374  1.832   1.00 37.47  ? 99  THR A CG2 1 
ATOM   560 N  N   . THR A 1 100 ? -20.664 -4.459  -2.232  1.00 43.04  ? 100 THR A N   1 
ATOM   561 C  CA  . THR A 1 100 ? -20.905 -5.479  -3.258  1.00 43.46  ? 100 THR A CA  1 
ATOM   562 C  C   . THR A 1 100 ? -19.611 -5.926  -3.944  1.00 44.11  ? 100 THR A C   1 
ATOM   563 O  O   . THR A 1 100 ? -19.401 -7.124  -4.195  1.00 43.59  ? 100 THR A O   1 
ATOM   564 C  CB  . THR A 1 100 ? -21.898 -4.958  -4.323  1.00 45.13  ? 100 THR A CB  1 
ATOM   565 O  OG1 . THR A 1 100 ? -23.197 -4.841  -3.735  1.00 44.54  ? 100 THR A OG1 1 
ATOM   566 C  CG2 . THR A 1 100 ? -21.973 -5.909  -5.510  1.00 45.37  ? 100 THR A CG2 1 
ATOM   567 N  N   . ARG A 1 101 ? -18.740 -4.965  -4.239  1.00 42.03  ? 101 ARG A N   1 
ATOM   568 C  CA  . ARG A 1 101 ? -17.480 -5.292  -4.885  1.00 42.72  ? 101 ARG A CA  1 
ATOM   569 C  C   . ARG A 1 101 ? -16.522 -6.036  -3.968  1.00 42.33  ? 101 ARG A C   1 
ATOM   570 O  O   . ARG A 1 101 ? -15.805 -6.932  -4.410  1.00 42.50  ? 101 ARG A O   1 
ATOM   571 C  CB  . ARG A 1 101 ? -16.791 -4.031  -5.407  1.00 44.23  ? 101 ARG A CB  1 
ATOM   572 C  CG  . ARG A 1 101 ? -15.371 -4.278  -5.913  1.00 47.62  ? 101 ARG A CG  1 
ATOM   573 C  CD  . ARG A 1 101 ? -15.021 -3.371  -7.097  1.00 52.22  ? 101 ARG A CD  1 
ATOM   574 N  NE  . ARG A 1 101 ? -15.044 -1.960  -6.743  1.00 57.39  ? 101 ARG A NE  1 
ATOM   575 C  CZ  . ARG A 1 101 ? -15.651 -1.019  -7.457  1.00 59.44  ? 101 ARG A CZ  1 
ATOM   576 N  NH1 . ARG A 1 101 ? -16.294 -1.337  -8.576  1.00 60.35  ? 101 ARG A NH1 1 
ATOM   577 N  NH2 . ARG A 1 101 ? -15.620 0.242   -7.048  1.00 59.67  ? 101 ARG A NH2 1 
ATOM   578 N  N   . TYR A 1 102 ? -16.499 -5.680  -2.690  1.00 41.53  ? 102 TYR A N   1 
ATOM   579 C  CA  . TYR A 1 102 ? -15.572 -6.344  -1.789  1.00 40.71  ? 102 TYR A CA  1 
ATOM   580 C  C   . TYR A 1 102 ? -16.134 -7.463  -0.934  1.00 39.47  ? 102 TYR A C   1 
ATOM   581 O  O   . TYR A 1 102 ? -15.400 -8.089  -0.181  1.00 40.92  ? 102 TYR A O   1 
ATOM   582 C  CB  . TYR A 1 102 ? -14.841 -5.297  -0.949  1.00 40.32  ? 102 TYR A CB  1 
ATOM   583 C  CG  . TYR A 1 102 ? -13.982 -4.411  -1.827  1.00 40.62  ? 102 TYR A CG  1 
ATOM   584 C  CD1 . TYR A 1 102 ? -14.374 -3.116  -2.149  1.00 39.08  ? 102 TYR A CD1 1 
ATOM   585 C  CD2 . TYR A 1 102 ? -12.807 -4.903  -2.397  1.00 42.31  ? 102 TYR A CD2 1 
ATOM   586 C  CE1 . TYR A 1 102 ? -13.617 -2.326  -3.018  1.00 40.32  ? 102 TYR A CE1 1 
ATOM   587 C  CE2 . TYR A 1 102 ? -12.044 -4.126  -3.273  1.00 41.28  ? 102 TYR A CE2 1 
ATOM   588 C  CZ  . TYR A 1 102 ? -12.452 -2.842  -3.578  1.00 42.28  ? 102 TYR A CZ  1 
ATOM   589 O  OH  . TYR A 1 102 ? -11.696 -2.081  -4.445  1.00 42.16  ? 102 TYR A OH  1 
ATOM   590 N  N   . GLY A 1 103 ? -17.430 -7.720  -1.066  1.00 39.47  ? 103 GLY A N   1 
ATOM   591 C  CA  . GLY A 1 103 ? -18.060 -8.812  -0.341  1.00 39.02  ? 103 GLY A CA  1 
ATOM   592 C  C   . GLY A 1 103 ? -18.050 -8.748  1.169   1.00 39.49  ? 103 GLY A C   1 
ATOM   593 O  O   . GLY A 1 103 ? -18.046 -9.784  1.835   1.00 40.58  ? 103 GLY A O   1 
ATOM   594 N  N   . VAL A 1 104 ? -18.060 -7.534  1.708   1.00 38.11  ? 104 VAL A N   1 
ATOM   595 C  CA  . VAL A 1 104 ? -18.053 -7.330  3.150   1.00 37.73  ? 104 VAL A CA  1 
ATOM   596 C  C   . VAL A 1 104 ? -19.236 -6.455  3.524   1.00 38.71  ? 104 VAL A C   1 
ATOM   597 O  O   . VAL A 1 104 ? -19.901 -5.866  2.660   1.00 38.60  ? 104 VAL A O   1 
ATOM   598 C  CB  . VAL A 1 104 ? -16.749 -6.649  3.624   1.00 38.53  ? 104 VAL A CB  1 
ATOM   599 C  CG1 . VAL A 1 104 ? -15.563 -7.567  3.376   1.00 38.47  ? 104 VAL A CG1 1 
ATOM   600 C  CG2 . VAL A 1 104 ? -16.557 -5.334  2.899   1.00 38.33  ? 104 VAL A CG2 1 
ATOM   601 N  N   . THR A 1 105 ? -19.482 -6.358  4.819   1.00 35.07  ? 105 THR A N   1 
ATOM   602 C  CA  . THR A 1 105 ? -20.610 -5.610  5.322   1.00 35.38  ? 105 THR A CA  1 
ATOM   603 C  C   . THR A 1 105 ? -20.455 -4.093  5.272   1.00 34.78  ? 105 THR A C   1 
ATOM   604 O  O   . THR A 1 105 ? -19.353 -3.556  5.127   1.00 33.34  ? 105 THR A O   1 
ATOM   605 C  CB  . THR A 1 105 ? -20.891 -6.021  6.776   1.00 36.40  ? 105 THR A CB  1 
ATOM   606 O  OG1 . THR A 1 105 ? -19.848 -5.509  7.621   1.00 36.90  ? 105 THR A OG1 1 
ATOM   607 C  CG2 . THR A 1 105 ? -20.910 -7.541  6.897   1.00 35.22  ? 105 THR A CG2 1 
ATOM   608 N  N   . PHE A 1 106 ? -21.585 -3.411  5.388   1.00 34.16  ? 106 PHE A N   1 
ATOM   609 C  CA  . PHE A 1 106 ? -21.601 -1.955  5.410   1.00 36.83  ? 106 PHE A CA  1 
ATOM   610 C  C   . PHE A 1 106 ? -20.713 -1.487  6.571   1.00 35.87  ? 106 PHE A C   1 
ATOM   611 O  O   . PHE A 1 106 ? -19.937 -0.540  6.446   1.00 38.83  ? 106 PHE A O   1 
ATOM   612 C  CB  . PHE A 1 106 ? -23.026 -1.472  5.650   1.00 38.17  ? 106 PHE A CB  1 
ATOM   613 C  CG  . PHE A 1 106 ? -23.113 -0.022  6.006   1.00 40.19  ? 106 PHE A CG  1 
ATOM   614 C  CD1 . PHE A 1 106 ? -23.130 0.945   5.020   1.00 39.92  ? 106 PHE A CD1 1 
ATOM   615 C  CD2 . PHE A 1 106 ? -23.157 0.377   7.341   1.00 38.72  ? 106 PHE A CD2 1 
ATOM   616 C  CE1 . PHE A 1 106 ? -23.166 2.291   5.352   1.00 41.59  ? 106 PHE A CE1 1 
ATOM   617 C  CE2 . PHE A 1 106 ? -23.196 1.722   7.681   1.00 39.35  ? 106 PHE A CE2 1 
ATOM   618 C  CZ  . PHE A 1 106 ? -23.209 2.679   6.689   1.00 39.38  ? 106 PHE A CZ  1 
ATOM   619 N  N   . ASN A 1 107 ? -20.842 -2.159  7.707   1.00 35.25  ? 107 ASN A N   1 
ATOM   620 C  CA  . ASN A 1 107 ? -20.064 -1.813  8.888   1.00 37.71  ? 107 ASN A CA  1 
ATOM   621 C  C   . ASN A 1 107 ? -18.559 -1.857  8.585   1.00 37.66  ? 107 ASN A C   1 
ATOM   622 O  O   . ASN A 1 107 ? -17.821 -0.942  8.955   1.00 38.63  ? 107 ASN A O   1 
ATOM   623 C  CB  . ASN A 1 107 ? -20.406 -2.773  10.031  1.00 37.55  ? 107 ASN A CB  1 
ATOM   624 C  CG  . ASN A 1 107 ? -19.910 -2.272  11.384  1.00 38.18  ? 107 ASN A CG  1 
ATOM   625 O  OD1 . ASN A 1 107 ? -20.274 -1.188  11.830  1.00 41.74  ? 107 ASN A OD1 1 
ATOM   626 N  ND2 . ASN A 1 107 ? -19.079 -3.064  12.038  1.00 38.08  ? 107 ASN A ND2 1 
ATOM   627 N  N   . THR A 1 108 ? -18.108 -2.912  7.914   1.00 36.93  ? 108 THR A N   1 
ATOM   628 C  CA  . THR A 1 108 ? -16.692 -3.030  7.561   1.00 37.23  ? 108 THR A CA  1 
ATOM   629 C  C   . THR A 1 108 ? -16.261 -1.892  6.635   1.00 37.19  ? 108 THR A C   1 
ATOM   630 O  O   . THR A 1 108 ? -15.203 -1.292  6.834   1.00 39.49  ? 108 THR A O   1 
ATOM   631 C  CB  . THR A 1 108 ? -16.391 -4.379  6.870   1.00 36.35  ? 108 THR A CB  1 
ATOM   632 O  OG1 . THR A 1 108 ? -16.649 -5.452  7.788   1.00 37.06  ? 108 THR A OG1 1 
ATOM   633 C  CG2 . THR A 1 108 ? -14.934 -4.436  6.409   1.00 35.63  ? 108 THR A CG2 1 
ATOM   634 N  N   . VAL A 1 109 ? -17.078 -1.579  5.633   1.00 36.93  ? 109 VAL A N   1 
ATOM   635 C  CA  . VAL A 1 109 ? -16.738 -0.495  4.707   1.00 37.09  ? 109 VAL A CA  1 
ATOM   636 C  C   . VAL A 1 109 ? -16.701 0.866   5.403   1.00 37.98  ? 109 VAL A C   1 
ATOM   637 O  O   . VAL A 1 109 ? -15.788 1.666   5.166   1.00 37.41  ? 109 VAL A O   1 
ATOM   638 C  CB  . VAL A 1 109 ? -17.729 -0.404  3.531   1.00 37.10  ? 109 VAL A CB  1 
ATOM   639 C  CG1 . VAL A 1 109 ? -17.424 0.839   2.693   1.00 37.91  ? 109 VAL A CG1 1 
ATOM   640 C  CG2 . VAL A 1 109 ? -17.623 -1.652  2.667   1.00 37.76  ? 109 VAL A CG2 1 
ATOM   641 N  N   . TYR A 1 110 ? -17.683 1.139   6.255   1.00 37.42  ? 110 TYR A N   1 
ATOM   642 C  CA  . TYR A 1 110 ? -17.702 2.426   6.952   1.00 40.19  ? 110 TYR A CA  1 
ATOM   643 C  C   . TYR A 1 110 ? -16.507 2.595   7.899   1.00 39.78  ? 110 TYR A C   1 
ATOM   644 O  O   . TYR A 1 110 ? -16.026 3.709   8.108   1.00 42.18  ? 110 TYR A O   1 
ATOM   645 C  CB  . TYR A 1 110 ? -18.997 2.611   7.746   1.00 40.23  ? 110 TYR A CB  1 
ATOM   646 C  CG  . TYR A 1 110 ? -18.930 3.816   8.647   1.00 41.34  ? 110 TYR A CG  1 
ATOM   647 C  CD1 . TYR A 1 110 ? -18.914 5.102   8.117   1.00 40.40  ? 110 TYR A CD1 1 
ATOM   648 C  CD2 . TYR A 1 110 ? -18.783 3.667   10.025  1.00 42.14  ? 110 TYR A CD2 1 
ATOM   649 C  CE1 . TYR A 1 110 ? -18.744 6.213   8.934   1.00 44.77  ? 110 TYR A CE1 1 
ATOM   650 C  CE2 . TYR A 1 110 ? -18.616 4.770   10.853  1.00 45.44  ? 110 TYR A CE2 1 
ATOM   651 C  CZ  . TYR A 1 110 ? -18.594 6.038   10.304  1.00 45.12  ? 110 TYR A CZ  1 
ATOM   652 O  OH  . TYR A 1 110 ? -18.419 7.137   11.110  1.00 49.24  ? 110 TYR A OH  1 
ATOM   653 N  N   . LYS A 1 111 ? -16.029 1.499   8.471   1.00 40.45  ? 111 LYS A N   1 
ATOM   654 C  CA  . LYS A 1 111 ? -14.889 1.579   9.377   1.00 41.10  ? 111 LYS A CA  1 
ATOM   655 C  C   . LYS A 1 111 ? -13.623 1.919   8.588   1.00 41.44  ? 111 LYS A C   1 
ATOM   656 O  O   . LYS A 1 111 ? -12.759 2.652   9.076   1.00 40.92  ? 111 LYS A O   1 
ATOM   657 C  CB  . LYS A 1 111 ? -14.725 0.260   10.146  1.00 42.13  ? 111 LYS A CB  1 
ATOM   658 C  CG  . LYS A 1 111 ? -15.668 0.146   11.364  1.00 47.74  ? 111 LYS A CG  1 
ATOM   659 C  CD  . LYS A 1 111 ? -15.937 -1.306  11.783  1.00 48.90  ? 111 LYS A CD  1 
ATOM   660 C  CE  . LYS A 1 111 ? -14.674 -2.025  12.217  1.00 52.56  ? 111 LYS A CE  1 
ATOM   661 N  NZ  . LYS A 1 111 ? -14.930 -3.464  12.535  1.00 52.81  ? 111 LYS A NZ  1 
ATOM   662 N  N   . ALA A 1 112 ? -13.526 1.405   7.364   1.00 39.60  ? 112 ALA A N   1 
ATOM   663 C  CA  . ALA A 1 112 ? -12.379 1.693   6.506   1.00 41.04  ? 112 ALA A CA  1 
ATOM   664 C  C   . ALA A 1 112 ? -12.398 3.180   6.145   1.00 42.59  ? 112 ALA A C   1 
ATOM   665 O  O   . ALA A 1 112 ? -11.366 3.857   6.190   1.00 42.44  ? 112 ALA A O   1 
ATOM   666 C  CB  . ALA A 1 112 ? -12.445 0.851   5.242   1.00 40.06  ? 112 ALA A CB  1 
ATOM   667 N  N   . ILE A 1 113 ? -13.582 3.675   5.788   1.00 42.30  ? 113 ILE A N   1 
ATOM   668 C  CA  . ILE A 1 113 ? -13.772 5.080   5.425   1.00 42.19  ? 113 ILE A CA  1 
ATOM   669 C  C   . ILE A 1 113 ? -13.393 5.966   6.612   1.00 43.41  ? 113 ILE A C   1 
ATOM   670 O  O   . ILE A 1 113 ? -12.620 6.909   6.475   1.00 42.72  ? 113 ILE A O   1 
ATOM   671 C  CB  . ILE A 1 113 ? -15.254 5.393   5.105   1.00 43.34  ? 113 ILE A CB  1 
ATOM   672 C  CG1 . ILE A 1 113 ? -15.764 4.513   3.957   1.00 43.37  ? 113 ILE A CG1 1 
ATOM   673 C  CG2 . ILE A 1 113 ? -15.414 6.874   4.799   1.00 41.44  ? 113 ILE A CG2 1 
ATOM   674 C  CD1 . ILE A 1 113 ? -15.015 4.662   2.694   1.00 45.02  ? 113 ILE A CD1 1 
ATOM   675 N  N   . ARG A 1 114 ? -13.952 5.663   7.781   1.00 44.02  ? 114 ARG A N   1 
ATOM   676 C  CA  . ARG A 1 114 ? -13.660 6.455   8.968   1.00 44.67  ? 114 ARG A CA  1 
ATOM   677 C  C   . ARG A 1 114 ? -12.166 6.472   9.225   1.00 45.72  ? 114 ARG A C   1 
ATOM   678 O  O   . ARG A 1 114 ? -11.649 7.375   9.887   1.00 43.83  ? 114 ARG A O   1 
ATOM   679 C  CB  . ARG A 1 114 ? -14.377 5.891   10.185  1.00 44.23  ? 114 ARG A CB  1 
ATOM   680 C  CG  . ARG A 1 114 ? -14.150 6.707   11.451  1.00 47.54  ? 114 ARG A CG  1 
ATOM   681 C  CD  . ARG A 1 114 ? -15.027 6.212   12.576  1.00 47.44  ? 114 ARG A CD  1 
ATOM   682 N  NE  . ARG A 1 114 ? -14.749 4.818   12.895  1.00 49.18  ? 114 ARG A NE  1 
ATOM   683 C  CZ  . ARG A 1 114 ? -15.455 4.099   13.764  1.00 51.61  ? 114 ARG A CZ  1 
ATOM   684 N  NH1 . ARG A 1 114 ? -16.481 4.645   14.401  1.00 52.95  ? 114 ARG A NH1 1 
ATOM   685 N  NH2 . ARG A 1 114 ? -15.141 2.832   13.991  1.00 50.47  ? 114 ARG A NH2 1 
ATOM   686 N  N   . ARG A 1 115 ? -11.476 5.471   8.685   1.00 48.29  ? 115 ARG A N   1 
ATOM   687 C  CA  . ARG A 1 115 ? -10.037 5.355   8.835   1.00 48.69  ? 115 ARG A CA  1 
ATOM   688 C  C   . ARG A 1 115 ? -9.259  6.300   7.896   1.00 50.58  ? 115 ARG A C   1 
ATOM   689 O  O   . ARG A 1 115 ? -8.293  6.905   8.364   1.00 52.95  ? 115 ARG A O   1 
ATOM   690 C  CB  . ARG A 1 115 ? -9.608  3.896   8.644   1.00 50.71  ? 115 ARG A CB  1 
ATOM   691 C  CG  . ARG A 1 115 ? -8.344  3.503   9.401   1.00 49.91  ? 115 ARG A CG  1 
ATOM   692 C  CD  . ARG A 1 115 ? -8.021  2.006   9.247   1.00 52.00  ? 115 ARG A CD  1 
ATOM   693 N  NE  . ARG A 1 115 ? -6.754  1.658   9.887   1.00 52.49  ? 115 ARG A NE  1 
ATOM   694 C  CZ  . ARG A 1 115 ? -6.197  0.444   9.890   1.00 53.19  ? 115 ARG A CZ  1 
ATOM   695 N  NH1 . ARG A 1 115 ? -6.782  -0.583  9.285   1.00 52.25  ? 115 ARG A NH1 1 
ATOM   696 N  NH2 . ARG A 1 115 ? -5.041  0.257   10.508  1.00 52.80  ? 115 ARG A NH2 1 
ATOM   697 N  N   . MET A 1 116 ? -9.636  6.451   6.611   1.00 51.75  ? 116 MET A N   1 
ATOM   698 C  CA  . MET A 1 116 ? -8.902  7.404   5.736   1.00 53.64  ? 116 MET A CA  1 
ATOM   699 C  C   . MET A 1 116 ? -9.021  8.709   6.504   1.00 55.05  ? 116 MET A C   1 
ATOM   700 O  O   . MET A 1 116 ? -8.029  9.340   6.838   1.00 55.68  ? 116 MET A O   1 
ATOM   701 C  CB  . MET A 1 116 ? -9.540  7.650   4.323   1.00 55.12  ? 116 MET A CB  1 
ATOM   702 C  CG  . MET A 1 116 ? -8.674  8.643   3.390   1.00 55.28  ? 116 MET A CG  1 
ATOM   703 S  SD  . MET A 1 116 ? -9.321  10.002  2.114   1.00 54.49  ? 116 MET A SD  1 
ATOM   704 C  CE  . MET A 1 116 ? -8.933  9.235   0.613   1.00 49.47  ? 116 MET A CE  1 
ATOM   705 N  N   . ARG A 1 117 ? -10.264 9.067   6.813   1.00 55.98  ? 117 ARG A N   1 
ATOM   706 C  CA  . ARG A 1 117 ? -10.588 10.302  7.515   1.00 58.17  ? 117 ARG A CA  1 
ATOM   707 C  C   . ARG A 1 117 ? -9.782  10.594  8.776   1.00 60.84  ? 117 ARG A C   1 
ATOM   708 O  O   . ARG A 1 117 ? -9.319  11.714  8.977   1.00 61.15  ? 117 ARG A O   1 
ATOM   709 C  CB  . ARG A 1 117 ? -12.089 10.328  7.838   1.00 55.40  ? 117 ARG A CB  1 
ATOM   710 C  CG  . ARG A 1 117 ? -12.977 10.333  6.597   1.00 51.50  ? 117 ARG A CG  1 
ATOM   711 C  CD  . ARG A 1 117 ? -14.447 10.305  6.965   1.00 51.10  ? 117 ARG A CD  1 
ATOM   712 N  NE  . ARG A 1 117 ? -15.314 10.377  5.793   1.00 46.56  ? 117 ARG A NE  1 
ATOM   713 C  CZ  . ARG A 1 117 ? -16.592 10.005  5.787   1.00 47.24  ? 117 ARG A CZ  1 
ATOM   714 N  NH1 . ARG A 1 117 ? -17.157 9.527   6.894   1.00 43.96  ? 117 ARG A NH1 1 
ATOM   715 N  NH2 . ARG A 1 117 ? -17.301 10.107  4.674   1.00 45.39  ? 117 ARG A NH2 1 
ATOM   716 N  N   . ARG A 1 118 ? -9.607  9.593   9.625   1.00 64.76  ? 118 ARG A N   1 
ATOM   717 C  CA  . ARG A 1 118 ? -8.868  9.798   10.857  1.00 68.93  ? 118 ARG A CA  1 
ATOM   718 C  C   . ARG A 1 118 ? -7.371  9.986   10.667  1.00 71.33  ? 118 ARG A C   1 
ATOM   719 O  O   . ARG A 1 118 ? -6.763  10.815  11.339  1.00 72.72  ? 118 ARG A O   1 
ATOM   720 C  CB  . ARG A 1 118 ? -9.143  8.648   11.827  1.00 69.91  ? 118 ARG A CB  1 
ATOM   721 C  CG  . ARG A 1 118 ? -10.514 8.769   12.467  1.00 72.10  ? 118 ARG A CG  1 
ATOM   722 C  CD  . ARG A 1 118 ? -10.797 7.718   13.530  1.00 74.07  ? 118 ARG A CD  1 
ATOM   723 N  NE  . ARG A 1 118 ? -11.855 8.200   14.416  1.00 75.30  ? 118 ARG A NE  1 
ATOM   724 C  CZ  . ARG A 1 118 ? -12.783 7.434   14.979  1.00 76.18  ? 118 ARG A CZ  1 
ATOM   725 N  NH1 . ARG A 1 118 ? -12.801 6.127   14.757  1.00 77.27  ? 118 ARG A NH1 1 
ATOM   726 N  NH2 . ARG A 1 118 ? -13.703 7.982   15.759  1.00 77.44  ? 118 ARG A NH2 1 
ATOM   727 N  N   . LEU A 1 119 ? -6.767  9.240   9.750   1.00 74.60  ? 119 LEU A N   1 
ATOM   728 C  CA  . LEU A 1 119 ? -5.334  9.378   9.549   1.00 77.28  ? 119 LEU A CA  1 
ATOM   729 C  C   . LEU A 1 119 ? -4.956  10.760  9.044   1.00 79.21  ? 119 LEU A C   1 
ATOM   730 O  O   . LEU A 1 119 ? -5.414  11.205  7.990   1.00 79.06  ? 119 LEU A O   1 
ATOM   731 C  CB  . LEU A 1 119 ? -4.794  8.289   8.604   1.00 77.34  ? 119 LEU A CB  1 
ATOM   732 C  CG  . LEU A 1 119 ? -5.374  7.991   7.219   1.00 77.50  ? 119 LEU A CG  1 
ATOM   733 C  CD1 . LEU A 1 119 ? -5.081  9.110   6.236   1.00 78.39  ? 119 LEU A CD1 1 
ATOM   734 C  CD2 . LEU A 1 119 ? -4.754  6.700   6.722   1.00 77.30  ? 119 LEU A CD2 1 
ATOM   735 N  N   . LYS A 1 120 ? -4.129  11.447  9.825   1.00 81.35  ? 120 LYS A N   1 
ATOM   736 C  CA  . LYS A 1 120 ? -3.680  12.778  9.452   1.00 83.28  ? 120 LYS A CA  1 
ATOM   737 C  C   . LYS A 1 120 ? -2.447  12.700  8.557   1.00 83.67  ? 120 LYS A C   1 
ATOM   738 O  O   . LYS A 1 120 ? -1.665  11.735  8.708   1.00 83.63  ? 120 LYS A O   1 
ATOM   739 C  CB  . LYS A 1 120 ? -3.364  13.604  10.706  1.00 84.04  ? 120 LYS A CB  1 
ATOM   740 C  CG  . LYS A 1 120 ? -4.591  14.026  11.516  1.00 85.14  ? 120 LYS A CG  1 
ATOM   741 C  CD  . LYS A 1 120 ? -5.690  14.579  10.612  1.00 85.63  ? 120 LYS A CD  1 
ATOM   742 C  CE  . LYS A 1 120 ? -6.475  15.692  11.286  1.00 86.18  ? 120 LYS A CE  1 
ATOM   743 N  NZ  . LYS A 1 120 ? -5.614  16.897  11.514  1.00 85.69  ? 120 LYS A NZ  1 
HETATM 744 PT PT  . PT  B 2 .   ? 7.825   14.016  0.256   1.00 74.63  ? 201 PT  A PT  1 
HETATM 745 PT PT  . PT  C 2 .   ? -10.454 12.038  2.274   1.00 118.39 ? 202 PT  A PT  1 
HETATM 746 O  O   . HOH D 3 .   ? -17.146 -8.042  6.593   1.00 34.28  ? 203 HOH A O   1 
HETATM 747 O  O   . HOH D 3 .   ? -19.536 -6.564  10.359  1.00 28.97  ? 204 HOH A O   1 
HETATM 748 O  O   . HOH D 3 .   ? -16.461 9.159   10.023  1.00 37.46  ? 205 HOH A O   1 
HETATM 749 O  O   . HOH D 3 .   ? -2.540  -8.680  2.942   1.00 42.14  ? 206 HOH A O   1 
HETATM 750 O  O   . HOH D 3 .   ? -23.183 -3.816  8.496   1.00 35.27  ? 207 HOH A O   1 
HETATM 751 O  O   . HOH D 3 .   ? -12.854 -1.981  8.164   1.00 37.10  ? 208 HOH A O   1 
HETATM 752 O  O   . HOH D 3 .   ? -21.126 -9.125  -3.783  1.00 43.86  ? 209 HOH A O   1 
HETATM 753 O  O   . HOH D 3 .   ? -24.193 -4.893  4.354   1.00 39.84  ? 210 HOH A O   1 
HETATM 754 O  O   . HOH D 3 .   ? -17.793 -10.245 4.927   1.00 48.66  ? 211 HOH A O   1 
HETATM 755 O  O   . HOH D 3 .   ? -11.825 -9.644  6.028   1.00 53.08  ? 212 HOH A O   1 
HETATM 756 O  O   . HOH D 3 .   ? -23.180 2.551   -4.875  1.00 55.94  ? 213 HOH A O   1 
HETATM 757 O  O   . HOH D 3 .   ? -5.269  3.862   11.694  1.00 55.19  ? 214 HOH A O   1 
HETATM 758 O  O   . HOH D 3 .   ? -14.883 11.582  2.814   1.00 52.34  ? 215 HOH A O   1 
HETATM 759 O  O   . HOH D 3 .   ? -13.755 -8.349  6.781   1.00 58.87  ? 216 HOH A O   1 
HETATM 760 O  O   . HOH D 3 .   ? -11.122 -0.974  10.218  1.00 60.37  ? 217 HOH A O   1 
HETATM 761 O  O   . HOH D 3 .   ? 12.157  0.699   -20.645 1.00 72.25  ? 218 HOH A O   1 
HETATM 762 O  O   . HOH D 3 .   ? -14.724 10.713  11.439  1.00 66.92  ? 219 HOH A O   1 
HETATM 763 O  O   . HOH D 3 .   ? -21.499 -7.607  1.024   1.00 65.15  ? 220 HOH A O   1 
HETATM 764 O  O   . HOH D 3 .   ? 20.922  -1.006  -10.649 1.00 64.71  ? 221 HOH A O   1 
HETATM 765 O  O   . HOH D 3 .   ? 13.442  -9.828  -13.374 1.00 80.81  ? 222 HOH A O   1 
HETATM 766 O  O   . HOH D 3 .   ? -14.802 3.329   -7.751  1.00 68.24  ? 223 HOH A O   1 
HETATM 767 O  O   . HOH D 3 .   ? -10.347 4.260   13.254  1.00 63.71  ? 224 HOH A O   1 
# 
